data_7EAT
#
_entry.id   7EAT
#
_cell.length_a   70.363
_cell.length_b   67.979
_cell.length_c   78.945
_cell.angle_alpha   90.000
_cell.angle_beta   101.110
_cell.angle_gamma   90.000
#
_symmetry.space_group_name_H-M   'P 1 21 1'
#
loop_
_entity.id
_entity.type
_entity.pdbx_description
1 polymer '[Pyruvate dehydrogenase (acetyl-transferring)] kinase isozyme 4, mitochondrial'
2 non-polymer 'SULFATE ION'
3 non-polymer 1,3-dihydro-2H-indol-2-one
4 water water
#
_entity_poly.entity_id   1
_entity_poly.type   'polypeptide(L)'
_entity_poly.pdbx_seq_one_letter_code
;GPSAGSLNGAGLVPREVEHFSRYSPSPLSMKQLLDFGSENACERTSFAFLRQELPVRLANILKEIDILPTQLVNTSSVQL
VKSWYIQSLMDLVEFHEKSPDDQKALSDFVDTLIKVRNRHHNVVPTMAQGIIEYKDACTVDPVTNQNLQYFLDRFYMNRI
STRMLMNQHILIFSDSQTGNPSHIGSIDPNCDVVAVVQDAFECSRMLCDQYYLSSPELKLTQVNGKFPDQPIHIVYVPSH
LHHMLFELFKNAMRATVEHQENQPSLTPIEVIVVLGKEDLTIKISDRGGGVPLRIIDRLFSYTYSTAPTPVMDNSRNAPL
AGFGYGLPISRLYAKYFQGDLNLYSLSGYGTDAIIYLKALSSESIEKLPVFNKSAFKHYQMSSEADDWCIPSREPKNLAK
EVAM
;
_entity_poly.pdbx_strand_id   A,B
#
loop_
_chem_comp.id
_chem_comp.type
_chem_comp.name
_chem_comp.formula
SO4 non-polymer 'SULFATE ION' 'O4 S -2'
W6P non-polymer 1,3-dihydro-2H-indol-2-one 'C8 H7 N O'
#
# COMPACT_ATOMS: atom_id res chain seq x y z
N VAL A 13 -37.08 3.29 7.81
CA VAL A 13 -36.92 4.37 6.84
C VAL A 13 -38.12 4.37 5.88
N PRO A 14 -38.27 5.45 5.12
CA PRO A 14 -39.39 5.51 4.16
C PRO A 14 -39.36 4.33 3.21
N ARG A 15 -40.55 4.02 2.68
CA ARG A 15 -40.68 2.87 1.77
C ARG A 15 -39.75 3.02 0.57
N GLU A 16 -39.71 4.22 -0.03
CA GLU A 16 -38.89 4.41 -1.22
C GLU A 16 -37.42 4.11 -0.94
N VAL A 17 -36.95 4.47 0.26
CA VAL A 17 -35.56 4.18 0.62
C VAL A 17 -35.32 2.68 0.63
N GLU A 18 -36.17 1.94 1.35
CA GLU A 18 -36.04 0.48 1.39
C GLU A 18 -36.09 -0.10 -0.02
N HIS A 19 -37.07 0.31 -0.82
CA HIS A 19 -37.21 -0.24 -2.17
C HIS A 19 -35.96 -0.01 -2.99
N PHE A 20 -35.50 1.24 -3.08
CA PHE A 20 -34.38 1.55 -3.96
C PHE A 20 -33.04 1.09 -3.39
N SER A 21 -32.93 0.94 -2.07
CA SER A 21 -31.71 0.40 -1.51
C SER A 21 -31.53 -1.07 -1.87
N ARG A 22 -32.61 -1.78 -2.19
CA ARG A 22 -32.50 -3.17 -2.62
C ARG A 22 -31.84 -3.29 -3.99
N TYR A 23 -31.81 -2.20 -4.76
CA TYR A 23 -31.07 -2.19 -6.01
C TYR A 23 -29.59 -1.94 -5.74
N SER A 24 -28.75 -2.54 -6.57
CA SER A 24 -27.33 -2.25 -6.50
C SER A 24 -26.99 -1.07 -7.42
N PRO A 25 -26.14 -0.13 -7.00
CA PRO A 25 -25.75 0.94 -7.92
C PRO A 25 -25.17 0.37 -9.21
N SER A 26 -25.41 1.10 -10.31
CA SER A 26 -24.93 0.70 -11.63
C SER A 26 -23.79 1.62 -12.04
N PRO A 27 -22.54 1.18 -11.94
CA PRO A 27 -21.43 2.06 -12.29
C PRO A 27 -21.35 2.29 -13.80
N LEU A 28 -21.06 3.53 -14.17
CA LEU A 28 -20.84 3.90 -15.55
C LEU A 28 -19.35 4.06 -15.83
N SER A 29 -18.99 3.96 -17.09
CA SER A 29 -17.63 4.24 -17.54
C SER A 29 -17.54 5.68 -18.04
N MET A 30 -16.33 6.22 -17.99
CA MET A 30 -16.07 7.50 -18.62
C MET A 30 -16.56 7.50 -20.06
N LYS A 31 -16.36 6.38 -20.76
CA LYS A 31 -16.80 6.26 -22.15
C LYS A 31 -18.32 6.43 -22.25
N GLN A 32 -19.07 5.75 -21.39
CA GLN A 32 -20.52 5.91 -21.37
C GLN A 32 -20.89 7.37 -21.17
N LEU A 33 -20.42 7.97 -20.07
CA LEU A 33 -20.73 9.37 -19.80
C LEU A 33 -20.34 10.25 -20.99
N LEU A 34 -19.22 9.96 -21.63
CA LEU A 34 -18.76 10.73 -22.77
C LEU A 34 -19.56 10.40 -24.03
N CYS A 42 -29.07 11.54 -25.69
CA CYS A 42 -30.52 11.59 -25.60
C CYS A 42 -30.99 11.96 -24.20
N GLU A 43 -31.69 13.08 -24.09
CA GLU A 43 -32.16 13.54 -22.79
C GLU A 43 -33.17 12.57 -22.19
N ARG A 44 -34.00 11.93 -23.02
CA ARG A 44 -34.98 11.00 -22.50
C ARG A 44 -34.33 9.81 -21.82
N THR A 45 -33.25 9.28 -22.41
CA THR A 45 -32.58 8.13 -21.82
C THR A 45 -31.86 8.51 -20.53
N SER A 46 -31.13 9.62 -20.56
CA SER A 46 -30.47 10.09 -19.34
C SER A 46 -31.50 10.39 -18.25
N PHE A 47 -32.68 10.89 -18.63
CA PHE A 47 -33.73 11.14 -17.67
C PHE A 47 -34.18 9.85 -17.01
N ALA A 48 -34.47 8.82 -17.82
CA ALA A 48 -34.95 7.56 -17.28
C ALA A 48 -33.90 6.89 -16.40
N PHE A 49 -32.62 7.02 -16.76
CA PHE A 49 -31.57 6.38 -15.98
C PHE A 49 -31.39 7.07 -14.63
N LEU A 50 -31.28 8.41 -14.64
CA LEU A 50 -30.99 9.13 -13.41
C LEU A 50 -32.16 9.08 -12.44
N ARG A 51 -33.39 9.16 -12.93
CA ARG A 51 -34.54 9.09 -12.04
C ARG A 51 -34.59 7.75 -11.31
N GLN A 52 -33.95 6.73 -11.85
CA GLN A 52 -33.80 5.43 -11.19
C GLN A 52 -32.50 5.36 -10.39
N GLU A 53 -31.38 5.73 -11.02
CA GLU A 53 -30.07 5.47 -10.43
C GLU A 53 -29.81 6.38 -9.23
N LEU A 54 -30.14 7.66 -9.34
CA LEU A 54 -29.88 8.57 -8.22
C LEU A 54 -30.61 8.13 -6.95
N PRO A 55 -31.92 7.82 -6.99
CA PRO A 55 -32.54 7.23 -5.80
C PRO A 55 -31.84 5.97 -5.31
N VAL A 56 -31.41 5.10 -6.24
CA VAL A 56 -30.72 3.88 -5.84
C VAL A 56 -29.47 4.21 -5.03
N ARG A 57 -28.67 5.15 -5.52
CA ARG A 57 -27.42 5.48 -4.84
C ARG A 57 -27.69 6.21 -3.53
N LEU A 58 -28.66 7.13 -3.53
CA LEU A 58 -29.03 7.78 -2.28
C LEU A 58 -29.58 6.76 -1.29
N ALA A 59 -30.34 5.78 -1.77
CA ALA A 59 -30.97 4.82 -0.87
C ALA A 59 -29.94 3.87 -0.28
N ASN A 60 -28.92 3.49 -1.05
CA ASN A 60 -27.90 2.60 -0.52
C ASN A 60 -27.13 3.24 0.62
N ILE A 61 -26.76 4.52 0.47
CA ILE A 61 -25.99 5.17 1.52
C ILE A 61 -26.88 5.55 2.69
N LEU A 62 -28.16 5.85 2.44
CA LEU A 62 -29.08 6.11 3.55
C LEU A 62 -29.20 4.91 4.46
N LYS A 63 -29.35 3.72 3.87
CA LYS A 63 -29.39 2.50 4.68
C LYS A 63 -28.09 2.31 5.46
N GLU A 64 -26.96 2.67 4.84
CA GLU A 64 -25.69 2.51 5.52
C GLU A 64 -25.53 3.51 6.66
N ILE A 65 -26.16 4.68 6.54
CA ILE A 65 -26.15 5.65 7.64
C ILE A 65 -26.84 5.07 8.86
N ASP A 66 -27.89 4.26 8.65
CA ASP A 66 -28.69 3.78 9.76
C ASP A 66 -27.94 2.82 10.67
N ILE A 67 -26.86 2.19 10.19
CA ILE A 67 -26.11 1.26 11.03
C ILE A 67 -24.95 1.91 11.74
N LEU A 68 -24.76 3.22 11.60
CA LEU A 68 -23.72 3.92 12.32
C LEU A 68 -24.09 4.00 13.81
N PRO A 69 -23.12 4.30 14.67
CA PRO A 69 -23.42 4.44 16.10
C PRO A 69 -24.55 5.43 16.33
N THR A 70 -25.44 5.09 17.27
CA THR A 70 -26.63 5.89 17.49
C THR A 70 -26.30 7.34 17.79
N GLN A 71 -25.27 7.58 18.61
CA GLN A 71 -24.94 8.95 18.97
C GLN A 71 -24.43 9.75 17.78
N LEU A 72 -23.83 9.08 16.80
CA LEU A 72 -23.42 9.78 15.58
C LEU A 72 -24.62 10.08 14.70
N VAL A 73 -25.52 9.11 14.52
CA VAL A 73 -26.68 9.33 13.66
C VAL A 73 -27.59 10.41 14.24
N ASN A 74 -27.59 10.56 15.57
CA ASN A 74 -28.47 11.51 16.22
C ASN A 74 -27.91 12.93 16.23
N THR A 75 -26.67 13.13 15.80
CA THR A 75 -26.15 14.49 15.67
C THR A 75 -27.01 15.26 14.67
N SER A 76 -27.22 16.54 14.96
CA SER A 76 -27.97 17.38 14.02
C SER A 76 -27.35 17.32 12.63
N SER A 77 -26.03 17.20 12.55
CA SER A 77 -25.37 17.17 11.26
C SER A 77 -25.79 15.96 10.44
N VAL A 78 -25.71 14.76 11.03
CA VAL A 78 -26.10 13.56 10.29
C VAL A 78 -27.59 13.55 10.02
N GLN A 79 -28.39 14.08 10.95
CA GLN A 79 -29.82 14.19 10.72
C GLN A 79 -30.11 15.12 9.55
N LEU A 80 -29.35 16.21 9.43
CA LEU A 80 -29.50 17.10 8.27
C LEU A 80 -29.17 16.36 6.98
N VAL A 81 -28.03 15.67 6.95
CA VAL A 81 -27.64 14.93 5.75
C VAL A 81 -28.73 13.92 5.39
N LYS A 82 -29.20 13.17 6.37
CA LYS A 82 -30.25 12.19 6.13
C LYS A 82 -31.51 12.87 5.58
N SER A 83 -31.91 13.98 6.18
CA SER A 83 -33.12 14.66 5.73
C SER A 83 -32.95 15.21 4.31
N TRP A 84 -31.77 15.75 4.00
CA TRP A 84 -31.51 16.23 2.65
C TRP A 84 -31.56 15.08 1.65
N TYR A 85 -30.85 13.99 1.94
CA TYR A 85 -30.84 12.85 1.03
C TYR A 85 -32.23 12.27 0.84
N ILE A 86 -33.03 12.20 1.91
CA ILE A 86 -34.38 11.66 1.79
C ILE A 86 -35.23 12.57 0.91
N GLN A 87 -35.19 13.88 1.16
CA GLN A 87 -35.97 14.81 0.36
C GLN A 87 -35.57 14.72 -1.12
N SER A 88 -34.27 14.70 -1.39
CA SER A 88 -33.81 14.57 -2.77
C SER A 88 -34.34 13.29 -3.41
N LEU A 89 -34.29 12.18 -2.67
CA LEU A 89 -34.81 10.91 -3.19
C LEU A 89 -36.29 11.04 -3.54
N MET A 90 -37.08 11.60 -2.62
CA MET A 90 -38.51 11.76 -2.89
C MET A 90 -38.75 12.67 -4.09
N ASP A 91 -37.98 13.76 -4.19
CA ASP A 91 -38.11 14.64 -5.35
C ASP A 91 -37.85 13.88 -6.64
N LEU A 92 -36.83 13.01 -6.64
CA LEU A 92 -36.49 12.27 -7.85
C LEU A 92 -37.50 11.17 -8.15
N VAL A 93 -38.03 10.52 -7.10
CA VAL A 93 -38.96 9.43 -7.31
C VAL A 93 -40.25 9.93 -7.95
N GLU A 94 -40.63 11.19 -7.70
CA GLU A 94 -41.85 11.71 -8.28
C GLU A 94 -41.83 11.67 -9.80
N PHE A 95 -40.63 11.69 -10.39
CA PHE A 95 -40.51 11.65 -11.85
C PHE A 95 -40.71 10.27 -12.44
N HIS A 96 -40.86 9.23 -11.61
CA HIS A 96 -41.26 7.93 -12.11
C HIS A 96 -42.71 7.93 -12.60
N GLU A 97 -43.49 8.96 -12.26
CA GLU A 97 -44.85 9.11 -12.77
C GLU A 97 -44.91 9.88 -14.08
N LYS A 98 -43.79 10.43 -14.54
CA LYS A 98 -43.74 11.22 -15.76
C LYS A 98 -43.18 10.38 -16.90
N SER A 99 -43.58 10.71 -18.11
CA SER A 99 -43.09 9.98 -19.27
C SER A 99 -41.78 10.60 -19.77
N PRO A 100 -40.80 9.79 -20.19
CA PRO A 100 -39.60 10.37 -20.80
C PRO A 100 -39.89 11.22 -22.02
N ASP A 101 -41.06 11.06 -22.65
CA ASP A 101 -41.47 11.86 -23.78
C ASP A 101 -42.13 13.18 -23.38
N ASP A 102 -42.28 13.43 -22.09
CA ASP A 102 -42.90 14.67 -21.62
C ASP A 102 -41.85 15.77 -21.59
N GLN A 103 -42.03 16.79 -22.43
CA GLN A 103 -41.02 17.83 -22.58
C GLN A 103 -40.82 18.61 -21.28
N LYS A 104 -41.92 19.05 -20.65
CA LYS A 104 -41.79 19.78 -19.40
C LYS A 104 -41.27 18.90 -18.27
N ALA A 105 -41.48 17.59 -18.35
CA ALA A 105 -40.91 16.70 -17.35
C ALA A 105 -39.39 16.69 -17.42
N LEU A 106 -38.84 16.61 -18.64
CA LEU A 106 -37.39 16.67 -18.79
C LEU A 106 -36.85 18.01 -18.29
N SER A 107 -37.54 19.11 -18.64
CA SER A 107 -37.11 20.42 -18.18
C SER A 107 -37.21 20.54 -16.66
N ASP A 108 -38.35 20.12 -16.11
CA ASP A 108 -38.49 20.14 -14.65
C ASP A 108 -37.45 19.25 -13.97
N PHE A 109 -37.09 18.13 -14.60
CA PHE A 109 -36.11 17.24 -14.01
C PHE A 109 -34.75 17.93 -13.86
N VAL A 110 -34.35 18.70 -14.87
CA VAL A 110 -33.11 19.45 -14.77
C VAL A 110 -33.18 20.44 -13.61
N ASP A 111 -34.29 21.16 -13.51
CA ASP A 111 -34.46 22.08 -12.39
C ASP A 111 -34.42 21.34 -11.06
N THR A 112 -34.92 20.09 -11.02
CA THR A 112 -34.89 19.31 -9.79
C THR A 112 -33.47 18.88 -9.46
N LEU A 113 -32.67 18.51 -10.47
CA LEU A 113 -31.28 18.20 -10.22
C LEU A 113 -30.53 19.42 -9.70
N ILE A 114 -30.81 20.59 -10.26
CA ILE A 114 -30.19 21.82 -9.76
C ILE A 114 -30.59 22.05 -8.30
N LYS A 115 -31.87 21.82 -7.98
CA LYS A 115 -32.33 21.95 -6.60
C LYS A 115 -31.63 20.94 -5.71
N VAL A 116 -31.51 19.69 -6.16
CA VAL A 116 -30.82 18.67 -5.38
C VAL A 116 -29.36 19.04 -5.19
N ARG A 117 -28.71 19.54 -6.25
CA ARG A 117 -27.32 19.94 -6.13
C ARG A 117 -27.15 21.05 -5.11
N ASN A 118 -28.08 22.01 -5.11
CA ASN A 118 -28.02 23.08 -4.10
C ASN A 118 -28.30 22.53 -2.71
N ARG A 119 -29.24 21.60 -2.59
CA ARG A 119 -29.56 21.05 -1.28
C ARG A 119 -28.39 20.27 -0.70
N HIS A 120 -27.62 19.59 -1.55
CA HIS A 120 -26.48 18.80 -1.14
C HIS A 120 -25.19 19.59 -1.12
N HIS A 121 -25.25 20.91 -1.33
CA HIS A 121 -24.04 21.70 -1.49
C HIS A 121 -23.13 21.64 -0.27
N ASN A 122 -23.70 21.52 0.93
CA ASN A 122 -22.93 21.53 2.17
C ASN A 122 -22.81 20.15 2.80
N VAL A 123 -23.00 19.08 2.01
CA VAL A 123 -22.99 17.74 2.59
C VAL A 123 -21.64 17.41 3.20
N VAL A 124 -20.56 17.73 2.50
CA VAL A 124 -19.23 17.31 2.92
C VAL A 124 -18.89 17.91 4.28
N PRO A 125 -18.89 19.24 4.45
CA PRO A 125 -18.59 19.78 5.77
C PRO A 125 -19.62 19.42 6.83
N THR A 126 -20.89 19.24 6.45
CA THR A 126 -21.90 18.89 7.44
C THR A 126 -21.63 17.50 8.02
N MET A 127 -21.46 16.50 7.16
CA MET A 127 -21.11 15.16 7.64
C MET A 127 -19.83 15.20 8.47
N ALA A 128 -18.82 15.92 7.99
CA ALA A 128 -17.57 16.03 8.74
C ALA A 128 -17.82 16.61 10.13
N GLN A 129 -18.69 17.61 10.23
CA GLN A 129 -19.00 18.18 11.53
C GLN A 129 -19.61 17.14 12.46
N GLY A 130 -20.52 16.32 11.94
CA GLY A 130 -21.10 15.26 12.75
C GLY A 130 -20.06 14.26 13.24
N ILE A 131 -19.14 13.88 12.36
CA ILE A 131 -18.08 12.95 12.74
C ILE A 131 -17.21 13.55 13.83
N ILE A 132 -16.77 14.79 13.62
CA ILE A 132 -15.91 15.45 14.60
C ILE A 132 -16.64 15.57 15.95
N GLU A 133 -17.90 16.00 15.91
CA GLU A 133 -18.68 16.10 17.14
C GLU A 133 -18.75 14.75 17.84
N TYR A 134 -18.91 13.66 17.08
CA TYR A 134 -19.05 12.35 17.67
C TYR A 134 -17.72 11.88 18.27
N LYS A 135 -16.63 12.01 17.52
CA LYS A 135 -15.33 11.58 18.02
C LYS A 135 -14.90 12.40 19.23
N ASP A 136 -15.10 13.72 19.17
CA ASP A 136 -14.67 14.58 20.27
C ASP A 136 -15.44 14.29 21.56
N ALA A 137 -16.72 13.92 21.44
CA ALA A 137 -17.58 13.79 22.62
C ALA A 137 -17.69 12.37 23.14
N CYS A 138 -17.57 11.36 22.28
CA CYS A 138 -17.85 9.98 22.64
C CYS A 138 -16.60 9.13 22.51
N THR A 139 -16.60 8.00 23.22
CA THR A 139 -15.57 7.01 23.04
C THR A 139 -15.83 6.23 21.75
N VAL A 140 -14.76 5.94 21.02
CA VAL A 140 -14.84 5.23 19.75
C VAL A 140 -13.90 4.04 19.82
N ASP A 141 -14.46 2.83 19.82
CA ASP A 141 -13.64 1.63 19.85
C ASP A 141 -12.80 1.55 18.57
N PRO A 142 -11.77 0.70 18.56
CA PRO A 142 -10.96 0.57 17.34
C PRO A 142 -11.77 0.11 16.14
N VAL A 143 -12.68 -0.85 16.33
CA VAL A 143 -13.48 -1.33 15.22
C VAL A 143 -14.41 -0.24 14.71
N THR A 144 -15.07 0.47 15.63
CA THR A 144 -15.95 1.56 15.22
C THR A 144 -15.17 2.65 14.49
N ASN A 145 -13.95 2.94 14.96
CA ASN A 145 -13.13 3.94 14.28
C ASN A 145 -12.79 3.48 12.86
N GLN A 146 -12.41 2.22 12.70
CA GLN A 146 -12.15 1.70 11.36
C GLN A 146 -13.43 1.71 10.52
N ASN A 147 -14.57 1.39 11.14
CA ASN A 147 -15.84 1.44 10.42
C ASN A 147 -16.17 2.85 9.97
N LEU A 148 -15.80 3.86 10.76
CA LEU A 148 -16.10 5.24 10.39
C LEU A 148 -15.32 5.65 9.14
N GLN A 149 -14.01 5.36 9.11
CA GLN A 149 -13.24 5.65 7.92
C GLN A 149 -13.78 4.89 6.72
N TYR A 150 -14.19 3.63 6.95
CA TYR A 150 -14.82 2.84 5.90
C TYR A 150 -16.11 3.50 5.42
N PHE A 151 -16.97 3.91 6.36
CA PHE A 151 -18.21 4.56 5.97
C PHE A 151 -17.95 5.87 5.23
N LEU A 152 -17.01 6.67 5.72
CA LEU A 152 -16.79 7.99 5.14
C LEU A 152 -16.20 7.89 3.74
N ASP A 153 -15.25 6.96 3.54
CA ASP A 153 -14.79 6.67 2.18
C ASP A 153 -15.98 6.38 1.27
N ARG A 154 -16.90 5.55 1.75
CA ARG A 154 -18.03 5.14 0.92
C ARG A 154 -19.05 6.27 0.80
N PHE A 155 -19.33 6.97 1.89
CA PHE A 155 -20.28 8.08 1.83
C PHE A 155 -19.79 9.17 0.87
N TYR A 156 -18.51 9.52 0.96
CA TYR A 156 -17.99 10.60 0.13
C TYR A 156 -17.82 10.15 -1.32
N MET A 157 -17.45 8.89 -1.54
CA MET A 157 -17.44 8.38 -2.90
C MET A 157 -18.84 8.40 -3.48
N ASN A 158 -19.83 7.98 -2.69
CA ASN A 158 -21.22 8.02 -3.14
C ASN A 158 -21.60 9.43 -3.60
N ARG A 159 -21.30 10.45 -2.77
CA ARG A 159 -21.60 11.82 -3.17
C ARG A 159 -20.85 12.20 -4.44
N ILE A 160 -19.57 11.87 -4.51
CA ILE A 160 -18.80 12.16 -5.72
C ILE A 160 -19.52 11.61 -6.94
N SER A 161 -20.11 10.42 -6.81
CA SER A 161 -20.75 9.78 -7.95
C SER A 161 -22.08 10.42 -8.30
N THR A 162 -22.88 10.76 -7.29
CA THR A 162 -24.16 11.41 -7.57
C THR A 162 -23.95 12.84 -8.09
N ARG A 163 -22.95 13.54 -7.57
CA ARG A 163 -22.64 14.86 -8.09
C ARG A 163 -22.13 14.77 -9.53
N MET A 164 -21.29 13.78 -9.82
CA MET A 164 -20.83 13.56 -11.19
C MET A 164 -22.01 13.36 -12.13
N LEU A 165 -22.90 12.42 -11.80
CA LEU A 165 -24.00 12.10 -12.70
C LEU A 165 -24.95 13.28 -12.86
N MET A 166 -25.33 13.91 -11.75
CA MET A 166 -26.25 15.04 -11.82
C MET A 166 -25.66 16.18 -12.65
N ASN A 167 -24.40 16.53 -12.37
CA ASN A 167 -23.77 17.63 -13.09
C ASN A 167 -23.67 17.34 -14.58
N GLN A 168 -23.40 16.08 -14.93
CA GLN A 168 -23.34 15.71 -16.35
C GLN A 168 -24.67 16.03 -17.03
N HIS A 169 -25.78 15.64 -16.40
CA HIS A 169 -27.09 15.89 -16.99
C HIS A 169 -27.39 17.38 -17.05
N ILE A 170 -27.15 18.10 -15.95
CA ILE A 170 -27.40 19.53 -15.93
C ILE A 170 -26.57 20.24 -17.00
N LEU A 171 -25.26 19.98 -17.01
CA LEU A 171 -24.38 20.71 -17.91
C LEU A 171 -24.72 20.45 -19.38
N ILE A 172 -25.24 19.27 -19.70
CA ILE A 172 -25.52 18.94 -21.09
C ILE A 172 -26.92 19.39 -21.50
N PHE A 173 -27.92 19.18 -20.64
CA PHE A 173 -29.31 19.35 -21.02
C PHE A 173 -29.97 20.60 -20.44
N SER A 174 -29.30 21.31 -19.53
CA SER A 174 -29.89 22.52 -18.99
C SER A 174 -29.95 23.62 -20.04
N ASP A 175 -31.00 24.45 -19.94
CA ASP A 175 -31.12 25.59 -20.83
C ASP A 175 -30.25 26.76 -20.39
N SER A 176 -29.96 26.85 -19.09
CA SER A 176 -29.21 27.96 -18.52
C SER A 176 -27.86 27.55 -17.97
N GLN A 177 -27.75 26.38 -17.33
CA GLN A 177 -26.56 25.94 -16.55
C GLN A 177 -25.76 24.98 -17.41
N THR A 178 -25.36 25.41 -18.60
CA THR A 178 -24.50 24.61 -19.46
C THR A 178 -23.05 24.99 -19.23
N GLY A 179 -22.17 23.99 -19.23
CA GLY A 179 -20.78 24.18 -18.92
C GLY A 179 -19.96 24.67 -20.10
N ASN A 180 -18.66 24.44 -20.01
CA ASN A 180 -17.75 24.80 -21.09
C ASN A 180 -18.13 24.06 -22.36
N PRO A 181 -18.41 24.76 -23.47
CA PRO A 181 -18.78 24.05 -24.70
C PRO A 181 -17.73 23.08 -25.18
N SER A 182 -16.45 23.31 -24.85
CA SER A 182 -15.39 22.41 -25.28
C SER A 182 -15.43 21.08 -24.54
N HIS A 183 -16.15 21.00 -23.42
CA HIS A 183 -16.28 19.78 -22.65
C HIS A 183 -17.65 19.14 -22.90
N ILE A 184 -17.71 17.83 -22.69
N ILE A 184 -17.70 17.83 -22.67
CA ILE A 184 -18.96 17.09 -22.72
CA ILE A 184 -18.94 17.07 -22.71
C ILE A 184 -19.41 16.96 -21.27
C ILE A 184 -19.40 16.95 -21.26
N GLY A 185 -20.32 17.83 -20.86
CA GLY A 185 -20.69 17.92 -19.46
C GLY A 185 -19.51 18.44 -18.67
N SER A 186 -19.05 17.68 -17.68
CA SER A 186 -17.85 18.02 -16.94
C SER A 186 -16.62 17.28 -17.44
N ILE A 187 -16.74 16.50 -18.51
CA ILE A 187 -15.67 15.66 -19.02
C ILE A 187 -14.95 16.38 -20.15
N ASP A 188 -13.62 16.39 -20.09
CA ASP A 188 -12.80 16.90 -21.18
C ASP A 188 -12.28 15.72 -21.98
N PRO A 189 -12.78 15.47 -23.20
CA PRO A 189 -12.33 14.29 -23.94
C PRO A 189 -10.85 14.31 -24.30
N ASN A 190 -10.20 15.48 -24.23
CA ASN A 190 -8.77 15.61 -24.46
C ASN A 190 -8.17 16.47 -23.35
N CYS A 191 -8.28 15.98 -22.12
CA CYS A 191 -7.82 16.74 -20.97
C CYS A 191 -6.32 16.99 -21.04
N ASP A 192 -5.94 18.26 -21.11
CA ASP A 192 -4.53 18.64 -21.04
C ASP A 192 -4.03 18.45 -19.61
N VAL A 193 -3.54 17.25 -19.29
CA VAL A 193 -3.15 16.92 -17.92
C VAL A 193 -2.15 17.94 -17.40
N VAL A 194 -1.13 18.25 -18.20
CA VAL A 194 -0.07 19.14 -17.74
C VAL A 194 -0.65 20.52 -17.42
N ALA A 195 -1.57 21.01 -18.25
CA ALA A 195 -2.21 22.29 -17.98
C ALA A 195 -2.92 22.27 -16.64
N VAL A 196 -3.63 21.18 -16.35
CA VAL A 196 -4.32 21.08 -15.06
C VAL A 196 -3.31 21.07 -13.92
N VAL A 197 -2.20 20.36 -14.10
CA VAL A 197 -1.16 20.34 -13.06
C VAL A 197 -0.65 21.76 -12.80
N GLN A 198 -0.33 22.48 -13.87
CA GLN A 198 0.17 23.85 -13.71
C GLN A 198 -0.85 24.72 -13.00
N ASP A 199 -2.12 24.64 -13.39
CA ASP A 199 -3.15 25.47 -12.80
C ASP A 199 -3.33 25.14 -11.32
N ALA A 200 -3.43 23.85 -10.99
CA ALA A 200 -3.59 23.45 -9.60
C ALA A 200 -2.39 23.88 -8.76
N PHE A 201 -1.19 23.88 -9.35
CA PHE A 201 -0.02 24.35 -8.61
C PHE A 201 -0.13 25.84 -8.29
N GLU A 202 -0.55 26.64 -9.26
CA GLU A 202 -0.68 28.09 -9.01
C GLU A 202 -1.73 28.38 -7.95
N CYS A 203 -2.85 27.66 -8.00
N CYS A 203 -2.85 27.65 -8.00
CA CYS A 203 -3.89 27.86 -6.98
CA CYS A 203 -3.90 27.84 -6.99
C CYS A 203 -3.32 27.62 -5.59
C CYS A 203 -3.33 27.62 -5.59
N SER A 204 -2.65 26.49 -5.39
CA SER A 204 -1.99 26.25 -4.11
C SER A 204 -0.93 27.31 -3.83
N ARG A 205 -0.18 27.69 -4.87
CA ARG A 205 0.86 28.71 -4.70
C ARG A 205 0.27 30.01 -4.18
N MET A 206 -0.86 30.44 -4.74
CA MET A 206 -1.48 31.68 -4.28
C MET A 206 -1.87 31.60 -2.82
N LEU A 207 -2.44 30.46 -2.41
N LEU A 207 -2.43 30.46 -2.40
CA LEU A 207 -2.78 30.28 -1.00
CA LEU A 207 -2.78 30.30 -0.99
C LEU A 207 -1.53 30.23 -0.13
C LEU A 207 -1.54 30.22 -0.12
N CYS A 208 -0.48 29.58 -0.62
CA CYS A 208 0.76 29.48 0.15
C CYS A 208 1.36 30.86 0.40
N ASP A 209 1.41 31.69 -0.64
CA ASP A 209 1.96 33.03 -0.48
C ASP A 209 1.18 33.83 0.56
N GLN A 210 -0.16 33.73 0.53
CA GLN A 210 -0.97 34.53 1.43
C GLN A 210 -0.72 34.17 2.89
N TYR A 211 -0.43 32.91 3.17
CA TYR A 211 -0.23 32.46 4.55
C TYR A 211 1.23 32.51 4.98
N TYR A 212 2.15 32.15 4.09
CA TYR A 212 3.57 32.08 4.43
C TYR A 212 4.41 33.17 3.78
N LEU A 213 3.84 33.98 2.88
CA LEU A 213 4.54 35.06 2.18
C LEU A 213 5.63 34.54 1.25
N SER A 214 5.61 33.24 0.94
N SER A 214 5.61 33.24 0.94
CA SER A 214 6.56 32.65 0.01
CA SER A 214 6.57 32.64 0.02
C SER A 214 6.04 31.28 -0.38
C SER A 214 6.03 31.27 -0.37
N SER A 215 6.50 30.78 -1.52
CA SER A 215 6.02 29.51 -2.05
C SER A 215 7.11 28.85 -2.88
N PRO A 216 7.18 27.53 -2.89
CA PRO A 216 8.13 26.84 -3.77
C PRO A 216 7.74 26.96 -5.23
N GLU A 217 8.74 26.86 -6.09
CA GLU A 217 8.52 26.86 -7.53
C GLU A 217 8.17 25.46 -8.01
N LEU A 218 7.70 25.38 -9.26
CA LEU A 218 7.35 24.12 -9.90
C LEU A 218 8.43 23.73 -10.90
N LYS A 219 8.92 22.49 -10.78
CA LYS A 219 9.82 21.88 -11.75
C LYS A 219 9.08 20.70 -12.34
N LEU A 220 8.48 20.90 -13.52
CA LEU A 220 7.62 19.90 -14.12
C LEU A 220 8.33 19.21 -15.27
N THR A 221 8.11 17.90 -15.37
CA THR A 221 8.61 17.09 -16.48
C THR A 221 7.46 16.22 -16.97
N GLN A 222 7.41 15.99 -18.27
CA GLN A 222 6.39 15.12 -18.85
C GLN A 222 7.04 14.13 -19.80
N VAL A 223 6.57 12.90 -19.74
CA VAL A 223 7.04 11.81 -20.60
C VAL A 223 5.82 11.10 -21.15
N ASN A 224 5.71 11.04 -22.47
CA ASN A 224 4.60 10.34 -23.13
C ASN A 224 5.14 9.02 -23.66
N GLY A 225 5.05 7.98 -22.85
CA GLY A 225 5.51 6.68 -23.27
C GLY A 225 4.61 6.04 -24.31
N LYS A 226 3.32 6.39 -24.31
CA LYS A 226 2.39 5.83 -25.28
C LYS A 226 2.56 6.49 -26.64
N PHE A 227 2.78 7.81 -26.67
CA PHE A 227 2.99 8.56 -27.91
C PHE A 227 4.19 9.47 -27.70
N PRO A 228 5.40 8.96 -27.90
CA PRO A 228 6.60 9.76 -27.61
C PRO A 228 6.55 11.13 -28.26
N ASP A 229 6.95 12.15 -27.50
CA ASP A 229 7.10 13.53 -27.95
C ASP A 229 5.77 14.18 -28.32
N GLN A 230 4.64 13.60 -27.92
CA GLN A 230 3.32 14.13 -28.20
C GLN A 230 2.65 14.61 -26.92
N PRO A 231 1.71 15.55 -27.01
CA PRO A 231 1.06 16.05 -25.80
C PRO A 231 0.29 14.95 -25.08
N ILE A 232 0.28 15.03 -23.75
CA ILE A 232 -0.37 14.04 -22.91
C ILE A 232 -1.83 14.44 -22.74
N HIS A 233 -2.73 13.64 -23.28
CA HIS A 233 -4.16 13.87 -23.16
C HIS A 233 -4.85 12.55 -22.83
N ILE A 234 -5.84 12.63 -21.93
CA ILE A 234 -6.72 11.51 -21.64
C ILE A 234 -8.13 12.06 -21.48
N VAL A 235 -9.11 11.16 -21.52
CA VAL A 235 -10.48 11.53 -21.19
C VAL A 235 -10.57 11.58 -19.67
N TYR A 236 -10.96 12.73 -19.13
CA TYR A 236 -11.08 12.84 -17.68
C TYR A 236 -11.88 14.08 -17.31
N VAL A 237 -12.26 14.13 -16.04
CA VAL A 237 -12.97 15.25 -15.43
C VAL A 237 -11.92 16.23 -14.91
N PRO A 238 -11.61 17.32 -15.61
CA PRO A 238 -10.54 18.21 -15.13
C PRO A 238 -10.76 18.72 -13.73
N SER A 239 -12.01 18.99 -13.33
CA SER A 239 -12.27 19.48 -11.98
C SER A 239 -11.84 18.47 -10.93
N HIS A 240 -12.14 17.18 -11.16
CA HIS A 240 -11.69 16.15 -10.23
C HIS A 240 -10.17 16.11 -10.16
N LEU A 241 -9.51 16.14 -11.32
CA LEU A 241 -8.05 16.13 -11.35
C LEU A 241 -7.49 17.36 -10.64
N HIS A 242 -8.13 18.52 -10.84
CA HIS A 242 -7.66 19.73 -10.19
C HIS A 242 -7.76 19.61 -8.67
N HIS A 243 -8.86 19.04 -8.17
N HIS A 243 -8.86 19.04 -8.17
CA HIS A 243 -9.02 18.88 -6.73
CA HIS A 243 -9.02 18.88 -6.73
C HIS A 243 -7.90 18.03 -6.14
C HIS A 243 -7.91 18.03 -6.14
N MET A 244 -7.61 16.89 -6.77
CA MET A 244 -6.54 16.02 -6.27
C MET A 244 -5.21 16.76 -6.21
N LEU A 245 -4.81 17.37 -7.32
CA LEU A 245 -3.51 18.02 -7.38
C LEU A 245 -3.44 19.21 -6.43
N PHE A 246 -4.53 19.98 -6.34
CA PHE A 246 -4.54 21.14 -5.46
C PHE A 246 -4.27 20.73 -4.01
N GLU A 247 -4.96 19.69 -3.53
CA GLU A 247 -4.76 19.24 -2.17
C GLU A 247 -3.34 18.72 -1.97
N LEU A 248 -2.84 17.92 -2.92
CA LEU A 248 -1.48 17.42 -2.82
C LEU A 248 -0.48 18.57 -2.81
N PHE A 249 -0.69 19.56 -3.68
CA PHE A 249 0.22 20.70 -3.71
C PHE A 249 0.18 21.49 -2.41
N LYS A 250 -1.01 21.65 -1.82
CA LYS A 250 -1.11 22.37 -0.56
C LYS A 250 -0.29 21.70 0.52
N ASN A 251 -0.40 20.37 0.64
CA ASN A 251 0.39 19.64 1.64
C ASN A 251 1.87 19.70 1.30
N ALA A 252 2.23 19.58 0.02
CA ALA A 252 3.63 19.61 -0.35
C ALA A 252 4.25 20.99 -0.10
N MET A 253 3.49 22.05 -0.38
CA MET A 253 3.99 23.40 -0.13
C MET A 253 4.03 23.71 1.37
N ARG A 254 3.00 23.30 2.10
CA ARG A 254 3.01 23.50 3.55
C ARG A 254 4.18 22.76 4.18
N ALA A 255 4.45 21.52 3.74
CA ALA A 255 5.55 20.77 4.29
C ALA A 255 6.90 21.36 3.90
N THR A 256 7.00 21.92 2.70
CA THR A 256 8.27 22.51 2.26
C THR A 256 8.60 23.76 3.05
N VAL A 257 7.64 24.69 3.16
CA VAL A 257 7.91 25.95 3.83
C VAL A 257 8.13 25.73 5.32
N GLU A 258 7.30 24.91 5.96
CA GLU A 258 7.45 24.68 7.40
C GLU A 258 8.76 23.97 7.71
N HIS A 259 9.08 22.93 6.95
CA HIS A 259 10.33 22.20 7.20
C HIS A 259 11.55 23.05 6.94
N GLN A 260 11.45 24.01 6.02
CA GLN A 260 12.58 24.85 5.66
C GLN A 260 12.33 26.29 6.09
N LEU A 266 13.63 27.96 -0.33
CA LEU A 266 12.67 26.88 -0.49
C LEU A 266 13.05 25.97 -1.65
N THR A 267 13.11 24.67 -1.38
CA THR A 267 13.31 23.71 -2.45
C THR A 267 12.08 23.64 -3.33
N PRO A 268 12.23 23.56 -4.65
CA PRO A 268 11.06 23.47 -5.52
C PRO A 268 10.31 22.16 -5.30
N ILE A 269 9.12 22.10 -5.88
CA ILE A 269 8.33 20.88 -5.91
C ILE A 269 8.47 20.29 -7.31
N GLU A 270 8.93 19.05 -7.38
CA GLU A 270 9.18 18.37 -8.64
C GLU A 270 7.98 17.50 -8.99
N VAL A 271 7.45 17.68 -10.20
CA VAL A 271 6.30 16.93 -10.68
C VAL A 271 6.69 16.28 -12.00
N ILE A 272 6.35 15.01 -12.16
CA ILE A 272 6.56 14.30 -13.42
C ILE A 272 5.23 13.68 -13.84
N VAL A 273 4.82 13.97 -15.07
CA VAL A 273 3.59 13.45 -15.64
C VAL A 273 3.98 12.41 -16.69
N VAL A 274 3.44 11.20 -16.56
CA VAL A 274 3.80 10.10 -17.43
C VAL A 274 2.52 9.46 -17.97
N LEU A 275 2.49 9.24 -19.28
CA LEU A 275 1.41 8.52 -19.93
C LEU A 275 1.94 7.17 -20.40
N GLY A 276 1.40 6.10 -19.81
CA GLY A 276 1.72 4.75 -20.24
C GLY A 276 0.60 4.14 -21.06
N LYS A 277 0.78 2.87 -21.40
CA LYS A 277 -0.22 2.15 -22.18
C LYS A 277 -1.55 2.13 -21.46
N GLU A 278 -1.54 1.82 -20.16
CA GLU A 278 -2.76 1.70 -19.37
C GLU A 278 -2.93 2.81 -18.35
N ASP A 279 -1.87 3.50 -17.97
CA ASP A 279 -1.89 4.41 -16.83
C ASP A 279 -1.47 5.81 -17.23
N LEU A 280 -2.12 6.80 -16.62
CA LEU A 280 -1.63 8.16 -16.57
C LEU A 280 -1.15 8.39 -15.14
N THR A 281 0.13 8.65 -14.97
CA THR A 281 0.76 8.73 -13.65
C THR A 281 1.31 10.13 -13.42
N ILE A 282 1.04 10.67 -12.24
CA ILE A 282 1.56 11.96 -11.81
C ILE A 282 2.23 11.76 -10.46
N LYS A 283 3.52 12.04 -10.39
CA LYS A 283 4.27 11.95 -9.15
C LYS A 283 4.70 13.35 -8.73
N ILE A 284 4.35 13.72 -7.50
CA ILE A 284 4.70 15.01 -6.92
C ILE A 284 5.69 14.76 -5.80
N SER A 285 6.86 15.40 -5.87
CA SER A 285 7.93 15.20 -4.91
C SER A 285 8.28 16.53 -4.24
N ASP A 286 8.31 16.51 -2.91
CA ASP A 286 8.73 17.67 -2.14
C ASP A 286 9.86 17.26 -1.20
N ARG A 287 10.49 18.28 -0.60
CA ARG A 287 11.52 18.04 0.41
C ARG A 287 11.11 18.71 1.71
N GLY A 288 9.87 18.46 2.14
CA GLY A 288 9.34 19.06 3.35
C GLY A 288 9.54 18.21 4.59
N GLY A 289 10.63 17.43 4.61
CA GLY A 289 11.01 16.68 5.79
C GLY A 289 10.37 15.32 5.95
N GLY A 290 9.31 15.04 5.20
CA GLY A 290 8.70 13.73 5.22
C GLY A 290 7.86 13.49 6.47
N VAL A 291 7.29 12.28 6.52
CA VAL A 291 6.42 11.87 7.62
C VAL A 291 6.80 10.45 8.04
N PRO A 292 6.89 10.16 9.34
CA PRO A 292 7.18 8.79 9.76
C PRO A 292 6.13 7.81 9.23
N LEU A 293 6.60 6.64 8.81
CA LEU A 293 5.70 5.63 8.26
C LEU A 293 4.62 5.24 9.26
N ARG A 294 4.94 5.29 10.55
CA ARG A 294 3.99 4.85 11.57
C ARG A 294 2.69 5.65 11.53
N ILE A 295 2.76 6.92 11.12
CA ILE A 295 1.62 7.83 11.21
C ILE A 295 1.22 8.41 9.85
N ILE A 296 1.88 8.01 8.76
CA ILE A 296 1.52 8.58 7.46
C ILE A 296 0.10 8.17 7.07
N ASP A 297 -0.36 7.00 7.53
CA ASP A 297 -1.73 6.60 7.23
C ASP A 297 -2.74 7.54 7.86
N ARG A 298 -2.40 8.18 8.97
CA ARG A 298 -3.32 9.10 9.61
C ARG A 298 -3.67 10.28 8.70
N LEU A 299 -2.83 10.58 7.71
CA LEU A 299 -3.16 11.66 6.78
C LEU A 299 -4.39 11.33 5.95
N PHE A 300 -4.75 10.06 5.81
CA PHE A 300 -5.95 9.65 5.08
C PHE A 300 -7.11 9.32 6.00
N SER A 301 -6.95 9.50 7.31
CA SER A 301 -8.07 9.31 8.22
C SER A 301 -8.90 10.58 8.30
N TYR A 302 -10.16 10.41 8.66
CA TYR A 302 -11.08 11.53 8.77
C TYR A 302 -11.12 12.05 10.20
N TYR A 325 -9.64 16.25 5.70
CA TYR A 325 -10.56 15.61 4.78
C TYR A 325 -10.13 15.79 3.33
N GLY A 326 -9.27 16.78 3.09
CA GLY A 326 -8.83 17.04 1.73
C GLY A 326 -8.08 15.86 1.12
N LEU A 327 -7.13 15.29 1.87
CA LEU A 327 -6.37 14.17 1.34
C LEU A 327 -7.21 12.92 1.15
N PRO A 328 -7.99 12.47 2.13
CA PRO A 328 -8.81 11.26 1.89
C PRO A 328 -9.81 11.45 0.76
N ILE A 329 -10.46 12.61 0.68
CA ILE A 329 -11.39 12.85 -0.43
C ILE A 329 -10.62 12.89 -1.75
N SER A 330 -9.42 13.47 -1.75
CA SER A 330 -8.61 13.47 -2.96
C SER A 330 -8.34 12.05 -3.44
N ARG A 331 -8.05 11.13 -2.52
CA ARG A 331 -7.82 9.75 -2.91
C ARG A 331 -9.10 9.13 -3.46
N LEU A 332 -10.25 9.48 -2.88
CA LEU A 332 -11.52 9.00 -3.41
C LEU A 332 -11.71 9.45 -4.86
N TYR A 333 -11.40 10.72 -5.15
CA TYR A 333 -11.47 11.20 -6.52
C TYR A 333 -10.62 10.34 -7.45
N ALA A 334 -9.38 10.04 -7.03
CA ALA A 334 -8.49 9.23 -7.86
C ALA A 334 -9.05 7.83 -8.05
N LYS A 335 -9.61 7.25 -7.00
CA LYS A 335 -10.16 5.90 -7.08
C LYS A 335 -11.53 5.85 -7.71
N TYR A 336 -12.21 7.00 -7.86
CA TYR A 336 -13.57 7.00 -8.39
C TYR A 336 -13.63 6.34 -9.76
N PHE A 337 -12.68 6.63 -10.63
CA PHE A 337 -12.62 6.00 -11.95
C PHE A 337 -11.48 4.99 -12.01
N GLN A 338 -11.34 4.16 -10.98
CA GLN A 338 -10.38 3.07 -10.92
C GLN A 338 -8.94 3.54 -10.88
N GLY A 339 -8.70 4.80 -10.52
CA GLY A 339 -7.35 5.27 -10.27
C GLY A 339 -6.96 4.98 -8.83
N ASP A 340 -5.90 5.65 -8.40
CA ASP A 340 -5.45 5.51 -7.02
C ASP A 340 -4.58 6.71 -6.67
N LEU A 341 -4.34 6.87 -5.37
CA LEU A 341 -3.53 7.96 -4.85
C LEU A 341 -2.75 7.42 -3.66
N ASN A 342 -1.43 7.41 -3.76
CA ASN A 342 -0.58 6.89 -2.70
C ASN A 342 0.45 7.93 -2.31
N LEU A 343 0.86 7.87 -1.05
CA LEU A 343 1.99 8.64 -0.53
C LEU A 343 3.06 7.68 -0.06
N TYR A 344 4.31 7.97 -0.40
CA TYR A 344 5.43 7.27 0.19
C TYR A 344 6.48 8.31 0.55
N SER A 345 6.73 8.44 1.84
CA SER A 345 7.56 9.51 2.38
C SER A 345 8.87 8.95 2.89
N LEU A 346 9.91 9.78 2.80
CA LEU A 346 11.21 9.50 3.38
C LEU A 346 11.35 10.43 4.58
N SER A 347 10.98 9.91 5.76
CA SER A 347 11.02 10.72 6.97
C SER A 347 12.42 11.28 7.20
N GLY A 348 12.50 12.60 7.32
CA GLY A 348 13.77 13.30 7.40
C GLY A 348 14.23 13.94 6.13
N TYR A 349 13.46 13.84 5.04
CA TYR A 349 13.88 14.38 3.76
C TYR A 349 12.71 14.97 2.99
N GLY A 350 11.72 14.16 2.66
CA GLY A 350 10.61 14.64 1.85
C GLY A 350 9.59 13.54 1.61
N THR A 351 8.63 13.86 0.74
CA THR A 351 7.51 12.97 0.47
C THR A 351 7.22 12.93 -1.02
N ASP A 352 6.88 11.75 -1.51
CA ASP A 352 6.38 11.56 -2.86
C ASP A 352 4.89 11.25 -2.79
N ALA A 353 4.11 11.95 -3.60
CA ALA A 353 2.69 11.66 -3.79
C ALA A 353 2.49 11.27 -5.25
N ILE A 354 1.80 10.17 -5.48
CA ILE A 354 1.63 9.63 -6.83
C ILE A 354 0.15 9.42 -7.10
N ILE A 355 -0.33 9.99 -8.20
CA ILE A 355 -1.70 9.78 -8.68
C ILE A 355 -1.65 8.82 -9.86
N TYR A 356 -2.54 7.82 -9.83
CA TYR A 356 -2.74 6.92 -10.96
C TYR A 356 -4.13 7.14 -11.53
N LEU A 357 -4.21 7.39 -12.82
CA LEU A 357 -5.47 7.49 -13.54
C LEU A 357 -5.45 6.50 -14.70
N LYS A 358 -6.60 5.86 -14.95
CA LYS A 358 -6.72 5.01 -16.12
C LYS A 358 -6.58 5.85 -17.39
N ALA A 359 -5.72 5.39 -18.30
CA ALA A 359 -5.51 6.10 -19.56
C ALA A 359 -6.60 5.82 -20.58
N LEU A 360 -7.44 4.81 -20.35
CA LEU A 360 -8.51 4.44 -21.28
C LEU A 360 -9.85 4.76 -20.64
N SER A 361 -10.72 5.44 -21.38
CA SER A 361 -12.05 5.77 -20.86
C SER A 361 -12.88 4.52 -20.63
N SER A 362 -12.67 3.48 -21.43
CA SER A 362 -13.43 2.24 -21.28
C SER A 362 -13.17 1.57 -19.94
N GLU A 363 -11.94 1.72 -19.41
CA GLU A 363 -11.60 1.17 -18.11
C GLU A 363 -11.82 2.15 -16.97
N SER A 364 -12.16 3.40 -17.26
CA SER A 364 -12.45 4.40 -16.23
C SER A 364 -13.89 4.21 -15.79
N ILE A 365 -14.11 3.25 -14.90
CA ILE A 365 -15.44 2.84 -14.46
C ILE A 365 -15.63 3.29 -13.02
N GLU A 366 -16.83 3.80 -12.73
CA GLU A 366 -17.14 4.26 -11.38
C GLU A 366 -16.85 3.17 -10.36
N LYS A 367 -16.17 3.54 -9.28
CA LYS A 367 -15.96 2.67 -8.12
C LYS A 367 -17.00 3.06 -7.09
N LEU A 368 -18.12 2.32 -7.08
CA LEU A 368 -19.26 2.72 -6.28
C LEU A 368 -19.44 1.80 -5.08
N PRO A 369 -19.76 2.35 -3.91
CA PRO A 369 -20.12 1.50 -2.77
C PRO A 369 -21.54 1.00 -2.90
N VAL A 370 -21.76 -0.21 -2.40
CA VAL A 370 -23.07 -0.86 -2.41
C VAL A 370 -23.33 -1.42 -1.02
N PHE A 371 -24.54 -1.18 -0.51
CA PHE A 371 -24.92 -1.69 0.81
C PHE A 371 -25.57 -3.05 0.62
N ASN A 372 -24.73 -4.09 0.58
CA ASN A 372 -25.17 -5.47 0.45
C ASN A 372 -24.67 -6.27 1.65
N LYS A 373 -24.87 -7.59 1.60
CA LYS A 373 -24.46 -8.44 2.72
C LYS A 373 -22.97 -8.29 3.00
N SER A 374 -22.14 -8.20 1.95
CA SER A 374 -20.70 -8.10 2.15
C SER A 374 -20.34 -6.83 2.91
N ALA A 375 -20.95 -5.70 2.55
CA ALA A 375 -20.67 -4.45 3.25
C ALA A 375 -21.09 -4.55 4.72
N PHE A 376 -22.31 -5.05 4.97
CA PHE A 376 -22.77 -5.21 6.34
C PHE A 376 -21.87 -6.16 7.11
N LYS A 377 -21.26 -7.13 6.43
CA LYS A 377 -20.31 -8.03 7.09
C LYS A 377 -19.05 -7.29 7.52
N HIS A 378 -18.57 -6.37 6.69
CA HIS A 378 -17.40 -5.58 7.06
C HIS A 378 -17.66 -4.77 8.32
N TYR A 379 -18.89 -4.30 8.51
CA TYR A 379 -19.23 -3.59 9.74
C TYR A 379 -19.33 -4.54 10.92
N GLN A 380 -19.86 -5.74 10.70
CA GLN A 380 -19.99 -6.72 11.77
C GLN A 380 -18.64 -7.35 12.10
N ASP A 387 -3.92 -13.55 12.81
CA ASP A 387 -3.13 -14.35 11.88
C ASP A 387 -1.64 -14.09 12.07
N TRP A 388 -1.29 -12.85 12.39
CA TRP A 388 0.08 -12.45 12.64
C TRP A 388 0.19 -11.91 14.06
N CYS A 389 1.33 -12.17 14.69
CA CYS A 389 1.58 -11.70 16.06
C CYS A 389 1.75 -10.19 16.09
N VAL B 13 -0.40 -35.73 12.77
CA VAL B 13 0.99 -35.37 13.02
C VAL B 13 1.41 -35.89 14.39
N PRO B 14 2.71 -35.90 14.67
CA PRO B 14 3.19 -36.37 15.97
C PRO B 14 2.61 -35.54 17.11
N ARG B 15 2.51 -36.16 18.28
CA ARG B 15 1.97 -35.48 19.45
C ARG B 15 2.70 -34.18 19.73
N GLU B 16 4.03 -34.17 19.56
CA GLU B 16 4.80 -32.96 19.81
C GLU B 16 4.35 -31.82 18.91
N VAL B 17 4.07 -32.12 17.64
CA VAL B 17 3.63 -31.08 16.71
C VAL B 17 2.28 -30.52 17.14
N GLU B 18 1.33 -31.40 17.49
CA GLU B 18 0.03 -30.93 17.96
C GLU B 18 0.18 -30.07 19.20
N HIS B 19 0.95 -30.56 20.18
CA HIS B 19 1.09 -29.83 21.44
C HIS B 19 1.71 -28.46 21.22
N PHE B 20 2.89 -28.40 20.62
CA PHE B 20 3.62 -27.14 20.51
C PHE B 20 2.97 -26.18 19.53
N SER B 21 2.15 -26.67 18.60
CA SER B 21 1.40 -25.77 17.73
C SER B 21 0.31 -25.00 18.48
N ARG B 22 -0.04 -25.44 19.69
CA ARG B 22 -1.05 -24.74 20.48
C ARG B 22 -0.52 -23.43 21.04
N TYR B 23 0.80 -23.27 21.12
CA TYR B 23 1.39 -22.03 21.60
C TYR B 23 1.55 -21.04 20.46
N SER B 24 1.53 -19.75 20.81
CA SER B 24 1.82 -18.73 19.82
C SER B 24 3.31 -18.41 19.82
N PRO B 25 3.91 -18.15 18.65
CA PRO B 25 5.31 -17.69 18.65
C PRO B 25 5.47 -16.42 19.46
N SER B 26 6.63 -16.29 20.10
CA SER B 26 6.95 -15.11 20.90
C SER B 26 7.94 -14.24 20.14
N PRO B 27 7.50 -13.16 19.50
CA PRO B 27 8.44 -12.32 18.75
C PRO B 27 9.41 -11.61 19.68
N LEU B 28 10.66 -11.51 19.21
CA LEU B 28 11.69 -10.74 19.91
C LEU B 28 11.99 -9.46 19.13
N SER B 29 12.48 -8.47 19.85
CA SER B 29 13.03 -7.29 19.22
C SER B 29 14.49 -7.54 18.85
N MET B 30 14.99 -6.71 17.93
CA MET B 30 16.42 -6.80 17.62
C MET B 30 17.27 -6.40 18.81
N LYS B 31 16.74 -5.51 19.67
CA LYS B 31 17.45 -5.17 20.90
C LYS B 31 17.62 -6.39 21.78
N GLN B 32 16.55 -7.15 21.99
CA GLN B 32 16.65 -8.40 22.75
C GLN B 32 17.65 -9.36 22.10
N LEU B 33 17.60 -9.48 20.77
CA LEU B 33 18.52 -10.38 20.08
C LEU B 33 19.97 -9.93 20.29
N LEU B 34 20.22 -8.63 20.29
CA LEU B 34 21.54 -8.13 20.63
C LEU B 34 21.90 -8.50 22.06
N ASP B 35 20.94 -8.41 22.98
CA ASP B 35 21.23 -8.64 24.39
C ASP B 35 21.66 -10.07 24.68
N PHE B 36 21.32 -11.03 23.80
CA PHE B 36 21.83 -12.38 23.98
C PHE B 36 23.35 -12.41 23.92
N GLY B 37 23.95 -11.50 23.17
CA GLY B 37 25.39 -11.40 23.05
C GLY B 37 26.06 -10.50 24.08
N SER B 38 25.31 -9.98 25.04
CA SER B 38 25.89 -9.13 26.07
C SER B 38 26.53 -9.96 27.17
N CYS B 42 24.64 -16.09 30.12
CA CYS B 42 23.72 -15.60 29.09
C CYS B 42 23.34 -16.71 28.12
N GLU B 43 24.25 -17.67 27.93
CA GLU B 43 23.96 -18.78 27.03
C GLU B 43 22.80 -19.61 27.55
N ARG B 44 22.71 -19.78 28.86
CA ARG B 44 21.62 -20.55 29.45
C ARG B 44 20.28 -19.89 29.17
N THR B 45 20.26 -18.56 29.03
CA THR B 45 19.01 -17.87 28.77
C THR B 45 18.57 -18.06 27.32
N SER B 46 19.50 -17.95 26.38
CA SER B 46 19.17 -18.20 24.98
C SER B 46 18.77 -19.66 24.77
N PHE B 47 19.49 -20.58 25.40
CA PHE B 47 19.15 -22.00 25.32
C PHE B 47 17.76 -22.27 25.86
N ALA B 48 17.43 -21.69 27.02
CA ALA B 48 16.12 -21.91 27.61
C ALA B 48 15.01 -21.39 26.71
N PHE B 49 15.25 -20.26 26.05
CA PHE B 49 14.24 -19.70 25.15
C PHE B 49 14.12 -20.53 23.88
N LEU B 50 15.26 -20.78 23.21
CA LEU B 50 15.21 -21.39 21.89
C LEU B 50 14.67 -22.83 21.96
N ARG B 51 15.05 -23.60 22.98
CA ARG B 51 14.58 -24.97 23.04
C ARG B 51 13.07 -25.05 23.11
N GLN B 52 12.41 -23.97 23.57
CA GLN B 52 10.95 -23.88 23.59
C GLN B 52 10.41 -23.16 22.35
N GLU B 53 11.00 -22.02 21.99
CA GLU B 53 10.44 -21.20 20.92
C GLU B 53 10.57 -21.88 19.57
N LEU B 54 11.70 -22.53 19.30
CA LEU B 54 11.88 -23.14 17.99
C LEU B 54 10.89 -24.27 17.75
N PRO B 55 10.66 -25.19 18.69
CA PRO B 55 9.57 -26.16 18.48
C PRO B 55 8.23 -25.51 18.24
N VAL B 56 7.93 -24.42 18.95
CA VAL B 56 6.66 -23.74 18.76
C VAL B 56 6.54 -23.21 17.34
N ARG B 57 7.61 -22.61 16.82
CA ARG B 57 7.53 -22.01 15.49
C ARG B 57 7.52 -23.09 14.41
N LEU B 58 8.29 -24.16 14.58
CA LEU B 58 8.22 -25.26 13.64
C LEU B 58 6.86 -25.93 13.67
N ALA B 59 6.26 -26.06 14.86
CA ALA B 59 4.97 -26.73 14.97
C ALA B 59 3.87 -25.86 14.37
N ASN B 60 3.94 -24.54 14.53
CA ASN B 60 2.93 -23.68 13.96
C ASN B 60 2.88 -23.80 12.44
N ILE B 61 4.04 -23.77 11.79
CA ILE B 61 4.05 -23.84 10.33
C ILE B 61 3.77 -25.27 9.86
N LEU B 62 4.15 -26.28 10.65
CA LEU B 62 3.84 -27.65 10.28
C LEU B 62 2.34 -27.87 10.20
N LYS B 63 1.57 -27.20 11.06
CA LYS B 63 0.11 -27.34 11.01
C LYS B 63 -0.45 -26.69 9.74
N GLU B 64 0.15 -25.59 9.30
CA GLU B 64 -0.34 -24.93 8.09
C GLU B 64 0.07 -25.70 6.84
N ILE B 65 1.15 -26.47 6.90
CA ILE B 65 1.55 -27.27 5.74
C ILE B 65 0.51 -28.34 5.46
N ASP B 66 -0.21 -28.80 6.48
CA ASP B 66 -1.14 -29.91 6.29
C ASP B 66 -2.38 -29.51 5.50
N ILE B 67 -2.78 -28.24 5.57
CA ILE B 67 -4.01 -27.79 4.94
C ILE B 67 -3.74 -27.29 3.53
N LEU B 68 -2.54 -27.57 3.01
CA LEU B 68 -2.22 -27.24 1.65
C LEU B 68 -2.98 -28.14 0.69
N PRO B 69 -3.13 -27.74 -0.57
CA PRO B 69 -3.74 -28.64 -1.56
C PRO B 69 -2.99 -29.97 -1.62
N THR B 70 -3.75 -31.06 -1.66
CA THR B 70 -3.14 -32.39 -1.58
C THR B 70 -2.11 -32.60 -2.67
N GLN B 71 -2.36 -32.08 -3.87
CA GLN B 71 -1.38 -32.22 -4.95
C GLN B 71 -0.07 -31.51 -4.63
N LEU B 72 -0.09 -30.52 -3.74
CA LEU B 72 1.12 -29.82 -3.34
C LEU B 72 1.77 -30.47 -2.11
N VAL B 73 0.96 -30.79 -1.10
CA VAL B 73 1.51 -31.38 0.11
C VAL B 73 2.12 -32.74 -0.18
N ASN B 74 1.59 -33.47 -1.16
CA ASN B 74 2.08 -34.80 -1.47
C ASN B 74 3.32 -34.78 -2.36
N THR B 75 3.79 -33.61 -2.79
CA THR B 75 5.04 -33.56 -3.53
C THR B 75 6.18 -34.03 -2.66
N SER B 76 7.11 -34.77 -3.26
CA SER B 76 8.28 -35.23 -2.51
C SER B 76 9.00 -34.06 -1.85
N SER B 77 9.00 -32.90 -2.51
CA SER B 77 9.69 -31.74 -1.96
C SER B 77 9.05 -31.28 -0.66
N VAL B 78 7.74 -31.00 -0.70
CA VAL B 78 7.05 -30.54 0.51
C VAL B 78 7.12 -31.61 1.60
N GLN B 79 6.96 -32.88 1.23
N GLN B 79 6.95 -32.87 1.22
CA GLN B 79 7.04 -33.94 2.22
CA GLN B 79 7.05 -33.95 2.19
C GLN B 79 8.43 -34.01 2.84
C GLN B 79 8.42 -33.98 2.85
N LEU B 80 9.48 -33.68 2.07
CA LEU B 80 10.82 -33.63 2.65
C LEU B 80 10.94 -32.49 3.64
N VAL B 81 10.51 -31.29 3.25
CA VAL B 81 10.54 -30.15 4.16
C VAL B 81 9.79 -30.47 5.45
N LYS B 82 8.60 -31.06 5.31
CA LYS B 82 7.84 -31.45 6.49
C LYS B 82 8.62 -32.43 7.36
N SER B 83 9.27 -33.42 6.73
CA SER B 83 10.03 -34.40 7.50
C SER B 83 11.23 -33.75 8.19
N TRP B 84 11.89 -32.81 7.51
CA TRP B 84 13.00 -32.10 8.12
C TRP B 84 12.53 -31.31 9.34
N TYR B 85 11.49 -30.51 9.18
CA TYR B 85 10.98 -29.70 10.29
C TYR B 85 10.55 -30.59 11.45
N ILE B 86 9.91 -31.72 11.16
CA ILE B 86 9.49 -32.63 12.22
C ILE B 86 10.72 -33.15 12.96
N GLN B 87 11.74 -33.56 12.23
CA GLN B 87 12.95 -34.08 12.88
C GLN B 87 13.65 -33.00 13.67
N SER B 88 13.77 -31.79 13.12
CA SER B 88 14.37 -30.69 13.86
C SER B 88 13.57 -30.39 15.12
N LEU B 89 12.23 -30.42 15.01
CA LEU B 89 11.41 -30.22 16.19
C LEU B 89 11.70 -31.28 17.25
N MET B 90 11.83 -32.54 16.84
CA MET B 90 12.15 -33.60 17.79
C MET B 90 13.55 -33.42 18.37
N ASP B 91 14.52 -33.04 17.52
CA ASP B 91 15.87 -32.81 18.01
C ASP B 91 15.88 -31.79 19.13
N LEU B 92 15.07 -30.74 19.00
CA LEU B 92 15.07 -29.66 19.99
C LEU B 92 14.30 -30.04 21.24
N VAL B 93 13.19 -30.76 21.10
CA VAL B 93 12.42 -31.17 22.27
C VAL B 93 13.20 -32.16 23.13
N GLU B 94 14.22 -32.82 22.58
CA GLU B 94 15.05 -33.69 23.39
C GLU B 94 15.73 -32.92 24.52
N PHE B 95 16.00 -31.63 24.31
CA PHE B 95 16.69 -30.82 25.29
C PHE B 95 15.79 -30.29 26.40
N HIS B 96 14.49 -30.60 26.37
CA HIS B 96 13.60 -30.07 27.39
C HIS B 96 13.86 -30.67 28.76
N GLU B 97 14.41 -31.89 28.81
CA GLU B 97 14.73 -32.51 30.09
C GLU B 97 16.03 -31.99 30.69
N LYS B 98 16.88 -31.39 29.87
CA LYS B 98 18.19 -30.94 30.34
C LYS B 98 18.08 -29.64 31.13
N SER B 99 19.04 -29.44 32.02
CA SER B 99 19.13 -28.21 32.80
C SER B 99 19.93 -27.16 32.03
N PRO B 100 19.51 -25.90 32.03
CA PRO B 100 20.34 -24.86 31.38
C PRO B 100 21.74 -24.77 31.97
N ASP B 101 21.92 -25.13 33.24
CA ASP B 101 23.24 -25.13 33.86
C ASP B 101 24.11 -26.28 33.37
N ASP B 102 23.53 -27.27 32.70
CA ASP B 102 24.29 -28.41 32.17
C ASP B 102 25.15 -27.92 31.01
N GLN B 103 26.45 -27.77 31.25
CA GLN B 103 27.34 -27.25 30.23
C GLN B 103 27.36 -28.15 28.99
N LYS B 104 27.37 -29.47 29.20
CA LYS B 104 27.37 -30.37 28.05
C LYS B 104 26.07 -30.27 27.26
N ALA B 105 24.96 -29.93 27.93
CA ALA B 105 23.71 -29.75 27.21
C ALA B 105 23.76 -28.49 26.33
N LEU B 106 24.35 -27.41 26.85
CA LEU B 106 24.52 -26.22 26.05
C LEU B 106 25.39 -26.50 24.83
N SER B 107 26.50 -27.21 25.03
CA SER B 107 27.38 -27.55 23.92
C SER B 107 26.66 -28.46 22.93
N ASP B 108 25.98 -29.49 23.43
CA ASP B 108 25.20 -30.34 22.54
C ASP B 108 24.13 -29.53 21.83
N PHE B 109 23.55 -28.54 22.52
CA PHE B 109 22.50 -27.73 21.89
C PHE B 109 23.05 -26.93 20.72
N VAL B 110 24.26 -26.39 20.86
CA VAL B 110 24.89 -25.70 19.73
C VAL B 110 25.07 -26.67 18.57
N ASP B 111 25.59 -27.88 18.86
CA ASP B 111 25.73 -28.89 17.82
C ASP B 111 24.39 -29.19 17.15
N THR B 112 23.32 -29.28 17.95
CA THR B 112 22.01 -29.56 17.37
C THR B 112 21.55 -28.43 16.46
N LEU B 113 21.73 -27.18 16.89
CA LEU B 113 21.35 -26.06 16.04
C LEU B 113 22.13 -26.07 14.74
N ILE B 114 23.42 -26.37 14.80
CA ILE B 114 24.22 -26.47 13.57
C ILE B 114 23.65 -27.57 12.68
N LYS B 115 23.29 -28.71 13.26
CA LYS B 115 22.71 -29.80 12.48
C LYS B 115 21.36 -29.39 11.89
N VAL B 116 20.53 -28.71 12.67
CA VAL B 116 19.25 -28.24 12.16
C VAL B 116 19.45 -27.19 11.08
N ARG B 117 20.40 -26.27 11.30
CA ARG B 117 20.69 -25.26 10.28
C ARG B 117 21.10 -25.90 8.97
N ASN B 118 22.01 -26.87 9.03
CA ASN B 118 22.45 -27.54 7.81
C ASN B 118 21.32 -28.35 7.18
N ARG B 119 20.48 -28.96 8.00
CA ARG B 119 19.36 -29.73 7.47
C ARG B 119 18.36 -28.82 6.74
N HIS B 120 18.16 -27.62 7.26
CA HIS B 120 17.23 -26.66 6.65
C HIS B 120 17.87 -25.83 5.55
N HIS B 121 19.15 -26.04 5.27
CA HIS B 121 19.89 -25.19 4.34
C HIS B 121 19.18 -25.07 3.00
N ASN B 122 18.60 -26.17 2.50
CA ASN B 122 17.99 -26.21 1.18
C ASN B 122 16.46 -26.23 1.25
N VAL B 123 15.89 -25.62 2.29
CA VAL B 123 14.43 -25.61 2.43
C VAL B 123 13.80 -24.75 1.33
N VAL B 124 14.33 -23.56 1.10
CA VAL B 124 13.73 -22.61 0.17
C VAL B 124 13.69 -23.20 -1.24
N PRO B 125 14.83 -23.64 -1.80
CA PRO B 125 14.77 -24.24 -3.14
C PRO B 125 13.95 -25.51 -3.19
N THR B 126 13.92 -26.29 -2.10
CA THR B 126 13.09 -27.48 -2.07
C THR B 126 11.61 -27.10 -2.11
N MET B 127 11.20 -26.14 -1.28
CA MET B 127 9.83 -25.64 -1.34
C MET B 127 9.51 -25.07 -2.71
N ALA B 128 10.43 -24.27 -3.27
CA ALA B 128 10.21 -23.73 -4.60
C ALA B 128 10.03 -24.84 -5.62
N GLN B 129 10.87 -25.87 -5.55
CA GLN B 129 10.71 -27.02 -6.45
C GLN B 129 9.35 -27.67 -6.25
N GLY B 130 8.83 -27.69 -5.03
CA GLY B 130 7.50 -28.24 -4.80
C GLY B 130 6.42 -27.45 -5.50
N ILE B 131 6.54 -26.11 -5.47
CA ILE B 131 5.57 -25.27 -6.17
C ILE B 131 5.66 -25.51 -7.68
N ILE B 132 6.88 -25.69 -8.20
CA ILE B 132 7.04 -25.94 -9.63
C ILE B 132 6.27 -27.19 -10.03
N GLU B 133 6.27 -28.22 -9.18
CA GLU B 133 5.52 -29.43 -9.49
C GLU B 133 4.01 -29.18 -9.40
N TYR B 134 3.57 -28.49 -8.35
CA TYR B 134 2.16 -28.20 -8.20
C TYR B 134 1.64 -27.42 -9.41
N LYS B 135 2.42 -26.46 -9.90
CA LYS B 135 2.03 -25.74 -11.10
C LYS B 135 1.99 -26.64 -12.33
N ASP B 136 2.73 -27.75 -12.31
CA ASP B 136 2.74 -28.68 -13.43
C ASP B 136 1.61 -29.70 -13.30
N THR B 144 -0.94 -16.30 -8.56
CA THR B 144 -2.36 -16.27 -8.91
C THR B 144 -3.20 -16.93 -7.83
N ASN B 145 -2.65 -17.97 -7.21
CA ASN B 145 -3.33 -18.68 -6.13
C ASN B 145 -3.13 -17.91 -4.84
N GLN B 146 -4.19 -17.24 -4.37
CA GLN B 146 -4.05 -16.37 -3.21
C GLN B 146 -3.69 -17.15 -1.95
N ASN B 147 -4.25 -18.35 -1.79
CA ASN B 147 -3.94 -19.16 -0.62
C ASN B 147 -2.49 -19.60 -0.65
N LEU B 148 -1.95 -19.93 -1.82
CA LEU B 148 -0.55 -20.31 -1.92
C LEU B 148 0.36 -19.12 -1.61
N GLN B 149 0.00 -17.93 -2.10
CA GLN B 149 0.74 -16.73 -1.74
C GLN B 149 0.68 -16.49 -0.24
N TYR B 150 -0.51 -16.61 0.35
CA TYR B 150 -0.67 -16.46 1.79
C TYR B 150 0.25 -17.41 2.54
N PHE B 151 0.28 -18.69 2.13
CA PHE B 151 1.08 -19.68 2.84
C PHE B 151 2.57 -19.43 2.67
N LEU B 152 3.00 -19.08 1.45
CA LEU B 152 4.42 -18.92 1.19
C LEU B 152 4.99 -17.70 1.92
N ASP B 153 4.23 -16.61 1.98
CA ASP B 153 4.62 -15.49 2.83
C ASP B 153 4.86 -15.96 4.26
N ARG B 154 3.93 -16.77 4.79
CA ARG B 154 4.04 -17.23 6.17
C ARG B 154 5.14 -18.26 6.32
N PHE B 155 5.20 -19.23 5.40
CA PHE B 155 6.24 -20.25 5.47
C PHE B 155 7.63 -19.63 5.42
N TYR B 156 7.84 -18.71 4.48
CA TYR B 156 9.17 -18.11 4.33
C TYR B 156 9.49 -17.14 5.45
N MET B 157 8.49 -16.41 5.94
CA MET B 157 8.71 -15.57 7.12
C MET B 157 9.08 -16.43 8.32
N ASN B 158 8.38 -17.55 8.49
CA ASN B 158 8.69 -18.46 9.58
C ASN B 158 10.13 -18.96 9.50
N ARG B 159 10.58 -19.36 8.31
CA ARG B 159 11.95 -19.80 8.14
C ARG B 159 12.94 -18.68 8.42
N ILE B 160 12.67 -17.48 7.89
CA ILE B 160 13.52 -16.34 8.20
C ILE B 160 13.69 -16.19 9.70
N SER B 161 12.60 -16.36 10.45
CA SER B 161 12.65 -16.14 11.89
C SER B 161 13.43 -17.25 12.60
N THR B 162 13.22 -18.50 12.20
CA THR B 162 13.93 -19.60 12.87
C THR B 162 15.41 -19.58 12.53
N ARG B 163 15.73 -19.33 11.25
CA ARG B 163 17.13 -19.16 10.87
C ARG B 163 17.77 -18.01 11.64
N MET B 164 17.05 -16.88 11.75
CA MET B 164 17.56 -15.75 12.53
C MET B 164 17.89 -16.17 13.96
N LEU B 165 16.93 -16.79 14.65
CA LEU B 165 17.15 -17.15 16.04
C LEU B 165 18.29 -18.15 16.19
N MET B 166 18.25 -19.23 15.42
CA MET B 166 19.28 -20.26 15.54
C MET B 166 20.66 -19.70 15.24
N ASN B 167 20.78 -18.91 14.17
CA ASN B 167 22.08 -18.35 13.82
C ASN B 167 22.59 -17.40 14.88
N GLN B 168 21.68 -16.65 15.52
CA GLN B 168 22.11 -15.77 16.60
C GLN B 168 22.77 -16.57 17.72
N HIS B 169 22.18 -17.71 18.08
CA HIS B 169 22.77 -18.54 19.13
C HIS B 169 24.06 -19.19 18.66
N ILE B 170 24.05 -19.77 17.45
CA ILE B 170 25.25 -20.42 16.93
C ILE B 170 26.40 -19.43 16.85
N LEU B 171 26.15 -18.27 16.25
CA LEU B 171 27.22 -17.31 15.96
C LEU B 171 27.73 -16.59 17.20
N ILE B 172 27.07 -16.72 18.34
CA ILE B 172 27.52 -16.11 19.58
C ILE B 172 28.19 -17.12 20.50
N PHE B 173 27.66 -18.35 20.55
CA PHE B 173 28.08 -19.31 21.57
C PHE B 173 28.84 -20.51 21.02
N SER B 174 28.92 -20.68 19.71
CA SER B 174 29.70 -21.78 19.17
C SER B 174 31.20 -21.47 19.27
N ASP B 175 32.01 -22.52 19.19
CA ASP B 175 33.46 -22.35 19.23
C ASP B 175 34.03 -22.02 17.86
N SER B 176 33.44 -22.56 16.79
CA SER B 176 33.97 -22.41 15.44
C SER B 176 33.17 -21.45 14.57
N GLN B 177 31.86 -21.34 14.77
CA GLN B 177 31.02 -20.48 13.94
C GLN B 177 30.96 -19.11 14.61
N THR B 178 31.86 -18.22 14.21
CA THR B 178 31.96 -16.90 14.82
C THR B 178 31.30 -15.80 14.00
N GLY B 179 31.00 -16.06 12.73
CA GLY B 179 30.38 -15.04 11.90
C GLY B 179 31.30 -13.86 11.68
N ASN B 180 30.70 -12.69 11.51
CA ASN B 180 31.46 -11.48 11.28
C ASN B 180 31.93 -10.91 12.62
N PRO B 181 33.23 -10.63 12.79
CA PRO B 181 33.69 -10.13 14.10
C PRO B 181 32.99 -8.87 14.56
N SER B 182 32.52 -8.03 13.65
CA SER B 182 31.88 -6.76 14.02
C SER B 182 30.39 -6.93 14.32
N HIS B 183 29.85 -8.13 14.20
CA HIS B 183 28.44 -8.39 14.46
C HIS B 183 28.27 -9.13 15.77
N ILE B 184 27.11 -8.95 16.39
CA ILE B 184 26.68 -9.76 17.51
C ILE B 184 25.72 -10.79 16.93
N GLY B 185 26.23 -12.00 16.70
CA GLY B 185 25.51 -12.94 15.87
C GLY B 185 25.50 -12.45 14.43
N SER B 186 24.31 -12.22 13.89
N SER B 186 24.31 -12.21 13.89
CA SER B 186 24.15 -11.66 12.55
CA SER B 186 24.17 -11.66 12.54
C SER B 186 23.75 -10.20 12.56
C SER B 186 23.75 -10.20 12.56
N ILE B 187 23.64 -9.58 13.73
CA ILE B 187 23.21 -8.20 13.84
C ILE B 187 24.45 -7.30 13.89
N ASP B 188 24.46 -6.29 13.03
CA ASP B 188 25.48 -5.25 13.10
C ASP B 188 24.92 -4.09 13.90
N PRO B 189 25.35 -3.87 15.15
CA PRO B 189 24.79 -2.76 15.93
C PRO B 189 25.07 -1.38 15.33
N ASN B 190 26.00 -1.28 14.39
CA ASN B 190 26.34 -0.04 13.71
C ASN B 190 26.33 -0.25 12.20
N CYS B 191 25.26 -0.84 11.70
CA CYS B 191 25.18 -1.20 10.29
C CYS B 191 25.41 0.03 9.41
N ASP B 192 26.44 -0.03 8.58
CA ASP B 192 26.75 1.03 7.63
C ASP B 192 25.85 0.85 6.41
N VAL B 193 24.67 1.47 6.46
CA VAL B 193 23.65 1.24 5.43
C VAL B 193 24.20 1.57 4.05
N VAL B 194 24.83 2.73 3.90
CA VAL B 194 25.32 3.13 2.58
C VAL B 194 26.34 2.11 2.07
N ALA B 195 27.17 1.57 2.96
CA ALA B 195 28.14 0.56 2.54
C ALA B 195 27.44 -0.70 2.04
N VAL B 196 26.36 -1.12 2.71
CA VAL B 196 25.61 -2.27 2.25
C VAL B 196 24.97 -1.97 0.90
N VAL B 197 24.48 -0.75 0.71
CA VAL B 197 23.92 -0.35 -0.58
C VAL B 197 24.98 -0.50 -1.67
N GLN B 198 26.14 0.11 -1.45
CA GLN B 198 27.21 0.03 -2.46
C GLN B 198 27.62 -1.40 -2.72
N ASP B 199 27.69 -2.22 -1.68
CA ASP B 199 28.07 -3.61 -1.85
C ASP B 199 27.02 -4.36 -2.68
N ALA B 200 25.75 -4.23 -2.31
CA ALA B 200 24.70 -4.92 -3.05
C ALA B 200 24.61 -4.43 -4.48
N PHE B 201 24.83 -3.13 -4.70
CA PHE B 201 24.79 -2.60 -6.06
C PHE B 201 25.89 -3.22 -6.92
N GLU B 202 27.10 -3.32 -6.38
N GLU B 202 27.11 -3.31 -6.39
CA GLU B 202 28.19 -3.97 -7.12
CA GLU B 202 28.20 -3.90 -7.15
C GLU B 202 27.83 -5.42 -7.44
C GLU B 202 27.93 -5.37 -7.43
N CYS B 203 27.29 -6.15 -6.47
N CYS B 203 27.29 -6.07 -6.50
CA CYS B 203 26.90 -7.53 -6.72
CA CYS B 203 26.93 -7.47 -6.74
C CYS B 203 25.92 -7.61 -7.87
C CYS B 203 25.94 -7.58 -7.89
N SER B 204 24.88 -6.78 -7.86
CA SER B 204 23.93 -6.76 -8.96
C SER B 204 24.59 -6.28 -10.24
N ARG B 205 25.48 -5.29 -10.13
CA ARG B 205 26.16 -4.78 -11.31
C ARG B 205 26.97 -5.88 -11.99
N MET B 206 27.67 -6.69 -11.20
CA MET B 206 28.46 -7.78 -11.78
C MET B 206 27.56 -8.74 -12.56
N LEU B 207 26.38 -9.05 -12.01
CA LEU B 207 25.46 -9.94 -12.70
C LEU B 207 24.88 -9.27 -13.94
N CYS B 208 24.52 -7.99 -13.82
CA CYS B 208 23.97 -7.26 -14.96
C CYS B 208 24.95 -7.24 -16.13
N ASP B 209 26.22 -6.99 -15.85
CA ASP B 209 27.22 -6.98 -16.91
C ASP B 209 27.31 -8.33 -17.62
N GLN B 210 27.10 -9.42 -16.89
CA GLN B 210 27.17 -10.74 -17.50
C GLN B 210 26.00 -10.99 -18.45
N TYR B 211 24.82 -10.44 -18.12
CA TYR B 211 23.65 -10.64 -18.95
C TYR B 211 23.52 -9.64 -20.09
N TYR B 212 24.14 -8.46 -19.99
CA TYR B 212 23.94 -7.41 -20.98
C TYR B 212 25.21 -6.72 -21.45
N LEU B 213 26.37 -6.99 -20.85
CA LEU B 213 27.61 -6.29 -21.17
C LEU B 213 27.52 -4.80 -20.91
N SER B 214 26.59 -4.40 -20.05
CA SER B 214 26.45 -3.01 -19.62
C SER B 214 25.61 -3.01 -18.35
N SER B 215 25.78 -1.96 -17.56
CA SER B 215 25.05 -1.86 -16.31
C SER B 215 24.90 -0.40 -15.94
N PRO B 216 23.74 0.03 -15.42
CA PRO B 216 23.61 1.41 -14.97
C PRO B 216 24.58 1.71 -13.84
N GLU B 217 25.00 2.97 -13.78
CA GLU B 217 25.81 3.44 -12.67
C GLU B 217 24.92 3.78 -11.48
N LEU B 218 25.55 3.93 -10.32
CA LEU B 218 24.86 4.30 -9.10
C LEU B 218 25.03 5.80 -8.86
N LYS B 219 23.90 6.49 -8.66
CA LYS B 219 23.90 7.87 -8.21
C LYS B 219 23.26 7.86 -6.82
N LEU B 220 24.11 7.87 -5.79
CA LEU B 220 23.67 7.68 -4.41
C LEU B 220 23.69 9.00 -3.67
N THR B 221 22.60 9.28 -2.95
CA THR B 221 22.51 10.41 -2.05
C THR B 221 22.18 9.89 -0.66
N GLN B 222 22.59 10.62 0.37
CA GLN B 222 22.22 10.28 1.73
C GLN B 222 21.88 11.53 2.51
N VAL B 223 20.84 11.44 3.32
CA VAL B 223 20.36 12.54 4.14
C VAL B 223 20.14 12.01 5.54
N ASN B 224 20.90 12.51 6.50
CA ASN B 224 20.74 12.14 7.91
C ASN B 224 19.92 13.23 8.58
N GLY B 225 18.61 13.15 8.44
CA GLY B 225 17.74 14.08 9.13
C GLY B 225 17.87 14.00 10.63
N LYS B 226 18.19 12.82 11.15
CA LYS B 226 18.34 12.66 12.59
C LYS B 226 19.62 13.32 13.09
N PHE B 227 20.70 13.19 12.34
CA PHE B 227 22.00 13.78 12.69
C PHE B 227 22.63 14.33 11.41
N PRO B 228 22.27 15.54 11.01
CA PRO B 228 22.72 16.06 9.71
C PRO B 228 24.23 15.93 9.51
N ASP B 229 24.62 15.60 8.29
CA ASP B 229 26.00 15.45 7.87
C ASP B 229 26.73 14.32 8.60
N GLN B 230 26.02 13.52 9.38
CA GLN B 230 26.62 12.41 10.11
C GLN B 230 26.43 11.11 9.34
N PRO B 231 27.40 10.20 9.35
CA PRO B 231 27.17 8.90 8.71
C PRO B 231 25.93 8.22 9.26
N ILE B 232 25.28 7.44 8.41
CA ILE B 232 24.01 6.80 8.73
C ILE B 232 24.29 5.38 9.20
N HIS B 233 24.01 5.11 10.47
CA HIS B 233 24.11 3.78 11.03
C HIS B 233 22.82 3.45 11.79
N ILE B 234 22.39 2.20 11.70
CA ILE B 234 21.31 1.69 12.54
C ILE B 234 21.69 0.27 12.96
N VAL B 235 21.00 -0.22 13.98
CA VAL B 235 21.06 -1.63 14.31
C VAL B 235 20.26 -2.40 13.26
N TYR B 236 20.93 -3.28 12.53
CA TYR B 236 20.21 -4.09 11.56
C TYR B 236 21.02 -5.34 11.23
N VAL B 237 20.35 -6.27 10.57
CA VAL B 237 20.96 -7.49 10.04
C VAL B 237 21.46 -7.18 8.64
N PRO B 238 22.76 -6.93 8.45
CA PRO B 238 23.23 -6.54 7.10
C PRO B 238 22.92 -7.57 6.04
N SER B 239 22.92 -8.86 6.38
CA SER B 239 22.63 -9.89 5.37
C SER B 239 21.21 -9.72 4.82
N HIS B 240 20.26 -9.41 5.68
CA HIS B 240 18.90 -9.18 5.20
C HIS B 240 18.82 -7.92 4.35
N LEU B 241 19.44 -6.84 4.80
CA LEU B 241 19.45 -5.60 4.01
C LEU B 241 20.11 -5.84 2.66
N HIS B 242 21.22 -6.58 2.64
CA HIS B 242 21.90 -6.86 1.39
C HIS B 242 20.99 -7.61 0.42
N HIS B 243 20.26 -8.61 0.92
N HIS B 243 20.25 -8.61 0.92
CA HIS B 243 19.36 -9.37 0.05
CA HIS B 243 19.36 -9.37 0.05
C HIS B 243 18.30 -8.46 -0.56
C HIS B 243 18.28 -8.49 -0.55
N MET B 244 17.67 -7.63 0.27
CA MET B 244 16.64 -6.72 -0.24
C MET B 244 17.19 -5.82 -1.34
N LEU B 245 18.33 -5.17 -1.07
CA LEU B 245 18.89 -4.23 -2.03
C LEU B 245 19.38 -4.96 -3.29
N PHE B 246 20.02 -6.12 -3.11
CA PHE B 246 20.46 -6.91 -4.25
C PHE B 246 19.29 -7.22 -5.18
N GLU B 247 18.19 -7.72 -4.62
CA GLU B 247 17.05 -8.06 -5.46
C GLU B 247 16.47 -6.83 -6.14
N LEU B 248 16.32 -5.73 -5.41
CA LEU B 248 15.79 -4.52 -6.02
C LEU B 248 16.72 -3.97 -7.09
N PHE B 249 18.03 -4.03 -6.86
CA PHE B 249 18.96 -3.55 -7.87
C PHE B 249 18.95 -4.43 -9.11
N LYS B 250 18.84 -5.75 -8.93
CA LYS B 250 18.73 -6.62 -10.09
C LYS B 250 17.53 -6.24 -10.96
N ASN B 251 16.39 -5.95 -10.34
CA ASN B 251 15.21 -5.57 -11.11
C ASN B 251 15.37 -4.19 -11.72
N ALA B 252 15.94 -3.25 -10.98
CA ALA B 252 16.13 -1.89 -11.51
C ALA B 252 17.08 -1.91 -12.70
N MET B 253 18.16 -2.68 -12.61
CA MET B 253 19.13 -2.74 -13.70
C MET B 253 18.54 -3.44 -14.92
N ARG B 254 17.89 -4.58 -14.71
CA ARG B 254 17.27 -5.27 -15.84
C ARG B 254 16.31 -4.36 -16.56
N ALA B 255 15.44 -3.65 -15.81
CA ALA B 255 14.47 -2.77 -16.44
C ALA B 255 15.16 -1.61 -17.16
N THR B 256 16.21 -1.05 -16.56
CA THR B 256 16.89 0.08 -17.17
C THR B 256 17.54 -0.32 -18.49
N VAL B 257 18.30 -1.42 -18.49
CA VAL B 257 19.01 -1.84 -19.69
C VAL B 257 18.02 -2.16 -20.81
N GLU B 258 16.99 -2.95 -20.48
CA GLU B 258 16.06 -3.40 -21.52
C GLU B 258 15.22 -2.24 -22.06
N HIS B 259 14.77 -1.34 -21.18
CA HIS B 259 13.94 -0.23 -21.64
C HIS B 259 14.74 0.75 -22.48
N GLN B 260 16.05 0.85 -22.26
CA GLN B 260 16.90 1.79 -22.97
C GLN B 260 17.87 1.09 -23.92
N GLU B 261 17.61 -0.17 -24.26
CA GLU B 261 18.53 -0.93 -25.09
C GLU B 261 18.73 -0.30 -26.46
N ASN B 262 17.80 0.54 -26.93
CA ASN B 262 17.96 1.25 -28.18
C ASN B 262 18.50 2.67 -27.97
N GLN B 263 18.94 3.01 -26.72
CA GLN B 263 19.54 4.29 -26.41
C GLN B 263 21.06 4.18 -26.36
N PRO B 264 21.78 5.23 -26.76
CA PRO B 264 23.26 5.14 -26.75
C PRO B 264 23.87 5.08 -25.35
N SER B 265 23.11 5.32 -24.29
CA SER B 265 23.65 5.26 -22.95
C SER B 265 22.57 4.78 -21.99
N LEU B 266 22.98 4.53 -20.75
CA LEU B 266 22.10 4.08 -19.68
C LEU B 266 22.00 5.17 -18.62
N THR B 267 20.77 5.48 -18.22
CA THR B 267 20.59 6.39 -17.11
C THR B 267 20.99 5.69 -15.80
N PRO B 268 21.61 6.40 -14.87
CA PRO B 268 22.00 5.76 -13.60
C PRO B 268 20.78 5.32 -12.82
N ILE B 269 21.04 4.50 -11.82
CA ILE B 269 20.04 4.18 -10.80
C ILE B 269 20.27 5.14 -9.64
N GLU B 270 19.24 5.89 -9.28
CA GLU B 270 19.35 6.88 -8.22
C GLU B 270 18.88 6.26 -6.91
N VAL B 271 19.74 6.30 -5.90
CA VAL B 271 19.43 5.81 -4.57
C VAL B 271 19.58 6.95 -3.59
N ILE B 272 18.59 7.12 -2.72
CA ILE B 272 18.67 8.05 -1.61
C ILE B 272 18.45 7.27 -0.32
N VAL B 273 19.38 7.39 0.61
CA VAL B 273 19.29 6.78 1.93
C VAL B 273 18.98 7.90 2.91
N VAL B 274 17.88 7.75 3.65
CA VAL B 274 17.42 8.78 4.57
C VAL B 274 17.26 8.16 5.96
N LEU B 275 17.85 8.80 6.96
CA LEU B 275 17.66 8.42 8.36
C LEU B 275 16.79 9.47 9.01
N GLY B 276 15.60 9.05 9.46
CA GLY B 276 14.72 9.90 10.24
C GLY B 276 14.73 9.52 11.70
N LYS B 277 13.85 10.18 12.46
CA LYS B 277 13.77 9.89 13.89
C LYS B 277 13.32 8.46 14.15
N GLU B 278 12.33 7.97 13.38
CA GLU B 278 11.79 6.64 13.57
C GLU B 278 12.13 5.68 12.44
N ASP B 279 12.52 6.18 11.28
CA ASP B 279 12.61 5.37 10.08
C ASP B 279 13.97 5.51 9.42
N LEU B 280 14.44 4.41 8.85
CA LEU B 280 15.50 4.38 7.86
C LEU B 280 14.85 4.04 6.53
N THR B 281 14.94 4.96 5.58
CA THR B 281 14.26 4.81 4.29
C THR B 281 15.29 4.80 3.17
N ILE B 282 15.13 3.84 2.26
CA ILE B 282 15.97 3.74 1.06
C ILE B 282 15.04 3.71 -0.15
N LYS B 283 15.17 4.70 -1.02
CA LYS B 283 14.40 4.76 -2.26
C LYS B 283 15.34 4.50 -3.43
N ILE B 284 15.01 3.51 -4.25
CA ILE B 284 15.77 3.17 -5.45
C ILE B 284 14.90 3.55 -6.65
N SER B 285 15.41 4.45 -7.48
CA SER B 285 14.68 4.98 -8.63
C SER B 285 15.40 4.61 -9.92
N ASP B 286 14.66 4.02 -10.86
CA ASP B 286 15.19 3.71 -12.18
C ASP B 286 14.30 4.35 -13.24
N ARG B 287 14.84 4.41 -14.46
CA ARG B 287 14.08 4.82 -15.62
C ARG B 287 13.94 3.63 -16.57
N GLY B 288 13.45 2.51 -16.05
CA GLY B 288 13.36 1.28 -16.80
C GLY B 288 12.00 1.00 -17.40
N GLY B 289 11.23 2.07 -17.67
CA GLY B 289 9.97 1.94 -18.37
C GLY B 289 8.76 1.70 -17.49
N GLY B 290 8.96 1.28 -16.25
CA GLY B 290 7.86 1.12 -15.32
C GLY B 290 7.00 -0.09 -15.62
N VAL B 291 5.99 -0.27 -14.78
CA VAL B 291 5.06 -1.40 -14.88
C VAL B 291 3.63 -0.88 -14.71
N PRO B 292 2.66 -1.35 -15.49
CA PRO B 292 1.29 -0.90 -15.29
C PRO B 292 0.80 -1.21 -13.87
N LEU B 293 -0.02 -0.30 -13.34
CA LEU B 293 -0.49 -0.48 -11.97
C LEU B 293 -1.28 -1.76 -11.82
N ARG B 294 -1.93 -2.21 -12.88
CA ARG B 294 -2.80 -3.39 -12.80
C ARG B 294 -2.03 -4.66 -12.45
N ILE B 295 -0.75 -4.73 -12.81
CA ILE B 295 0.02 -5.96 -12.67
C ILE B 295 1.24 -5.80 -11.77
N ILE B 296 1.45 -4.63 -11.18
CA ILE B 296 2.66 -4.42 -10.38
C ILE B 296 2.69 -5.37 -9.20
N ASP B 297 1.52 -5.79 -8.71
CA ASP B 297 1.49 -6.73 -7.59
C ASP B 297 2.01 -8.10 -8.00
N ARG B 298 1.88 -8.46 -9.29
CA ARG B 298 2.40 -9.74 -9.74
C ARG B 298 3.89 -9.89 -9.43
N LEU B 299 4.62 -8.77 -9.41
CA LEU B 299 6.03 -8.83 -9.06
C LEU B 299 6.26 -9.44 -7.69
N PHE B 300 5.27 -9.34 -6.80
CA PHE B 300 5.38 -9.88 -5.45
C PHE B 300 4.79 -11.27 -5.31
N SER B 301 4.15 -11.80 -6.35
CA SER B 301 3.64 -13.15 -6.31
C SER B 301 4.76 -14.14 -6.58
N TYR B 302 4.81 -15.21 -5.79
CA TYR B 302 5.85 -16.21 -5.96
C TYR B 302 5.71 -16.89 -7.31
N THR B 303 6.84 -17.16 -7.95
CA THR B 303 6.88 -17.76 -9.28
C THR B 303 6.32 -16.78 -10.31
N GLY B 324 10.57 -16.82 -9.33
CA GLY B 324 10.43 -15.42 -9.00
C GLY B 324 10.18 -15.18 -7.53
N TYR B 325 11.13 -15.63 -6.70
CA TYR B 325 11.04 -15.53 -5.26
C TYR B 325 11.88 -14.39 -4.69
N GLY B 326 12.57 -13.63 -5.53
CA GLY B 326 13.45 -12.58 -5.06
C GLY B 326 12.72 -11.43 -4.39
N LEU B 327 11.85 -10.75 -5.14
N LEU B 327 11.84 -10.76 -5.14
CA LEU B 327 11.13 -9.61 -4.58
CA LEU B 327 11.14 -9.61 -4.59
C LEU B 327 10.20 -10.00 -3.44
C LEU B 327 10.21 -10.01 -3.44
N PRO B 328 9.37 -11.03 -3.56
CA PRO B 328 8.53 -11.41 -2.41
C PRO B 328 9.32 -11.66 -1.14
N ILE B 329 10.45 -12.37 -1.24
CA ILE B 329 11.26 -12.63 -0.05
C ILE B 329 11.88 -11.33 0.46
N SER B 330 12.25 -10.44 -0.46
CA SER B 330 12.81 -9.15 -0.04
C SER B 330 11.80 -8.39 0.82
N ARG B 331 10.53 -8.40 0.43
CA ARG B 331 9.53 -7.70 1.22
C ARG B 331 9.32 -8.37 2.57
N LEU B 332 9.37 -9.70 2.61
CA LEU B 332 9.34 -10.40 3.89
C LEU B 332 10.47 -9.93 4.79
N TYR B 333 11.68 -9.83 4.25
CA TYR B 333 12.82 -9.36 5.04
C TYR B 333 12.54 -7.97 5.62
N ALA B 334 12.00 -7.08 4.78
CA ALA B 334 11.72 -5.72 5.26
C ALA B 334 10.67 -5.74 6.35
N LYS B 335 9.60 -6.53 6.18
CA LYS B 335 8.52 -6.58 7.16
C LYS B 335 8.87 -7.43 8.37
N TYR B 336 9.91 -8.26 8.27
CA TYR B 336 10.25 -9.16 9.37
C TYR B 336 10.47 -8.39 10.67
N PHE B 337 11.13 -7.24 10.59
CA PHE B 337 11.38 -6.39 11.76
C PHE B 337 10.55 -5.10 11.71
N GLN B 338 9.27 -5.23 11.34
CA GLN B 338 8.31 -4.13 11.34
C GLN B 338 8.62 -3.06 10.31
N GLY B 339 9.46 -3.37 9.32
CA GLY B 339 9.69 -2.49 8.19
C GLY B 339 8.69 -2.77 7.09
N ASP B 340 9.04 -2.34 5.87
CA ASP B 340 8.18 -2.60 4.73
C ASP B 340 8.96 -2.34 3.45
N LEU B 341 8.41 -2.83 2.36
CA LEU B 341 9.00 -2.66 1.03
C LEU B 341 7.85 -2.44 0.06
N ASN B 342 7.89 -1.32 -0.65
CA ASN B 342 6.82 -0.95 -1.56
C ASN B 342 7.41 -0.51 -2.90
N LEU B 343 6.64 -0.76 -3.96
CA LEU B 343 6.99 -0.33 -5.30
C LEU B 343 5.94 0.66 -5.79
N TYR B 344 6.39 1.78 -6.35
CA TYR B 344 5.52 2.77 -6.96
C TYR B 344 6.09 3.06 -8.34
N SER B 345 5.38 2.63 -9.37
CA SER B 345 5.87 2.68 -10.73
C SER B 345 5.14 3.75 -11.53
N LEU B 346 5.87 4.35 -12.47
CA LEU B 346 5.31 5.28 -13.45
C LEU B 346 5.42 4.58 -14.80
N SER B 347 4.35 3.86 -15.16
CA SER B 347 4.35 3.06 -16.37
C SER B 347 4.66 3.94 -17.57
N GLY B 348 5.69 3.57 -18.33
CA GLY B 348 6.19 4.38 -19.42
C GLY B 348 7.40 5.21 -19.09
N TYR B 349 7.92 5.14 -17.86
CA TYR B 349 9.03 5.97 -17.46
C TYR B 349 10.01 5.21 -16.57
N GLY B 350 9.55 4.74 -15.43
CA GLY B 350 10.44 4.09 -14.48
C GLY B 350 9.70 3.68 -13.23
N THR B 351 10.47 3.24 -12.23
CA THR B 351 9.90 2.69 -11.02
C THR B 351 10.69 3.19 -9.81
N ASP B 352 9.95 3.50 -8.74
CA ASP B 352 10.52 3.77 -7.43
C ASP B 352 10.31 2.56 -6.54
N ALA B 353 11.39 2.06 -5.96
CA ALA B 353 11.32 1.02 -4.94
C ALA B 353 11.79 1.63 -3.62
N ILE B 354 11.02 1.43 -2.56
CA ILE B 354 11.26 2.07 -1.29
C ILE B 354 11.32 1.02 -0.20
N ILE B 355 12.41 1.01 0.55
CA ILE B 355 12.56 0.17 1.73
C ILE B 355 12.37 1.03 2.97
N TYR B 356 11.55 0.55 3.90
CA TYR B 356 11.38 1.17 5.21
C TYR B 356 11.90 0.21 6.27
N LEU B 357 12.83 0.69 7.10
CA LEU B 357 13.31 -0.04 8.27
C LEU B 357 13.11 0.83 9.50
N LYS B 358 12.83 0.18 10.63
CA LYS B 358 12.77 0.88 11.90
C LYS B 358 14.17 1.32 12.30
N ALA B 359 14.30 2.60 12.68
CA ALA B 359 15.59 3.16 13.08
C ALA B 359 15.96 2.82 14.52
N LEU B 360 15.05 2.25 15.29
CA LEU B 360 15.29 1.89 16.68
C LEU B 360 15.17 0.37 16.83
N SER B 361 16.18 -0.24 17.46
CA SER B 361 16.18 -1.70 17.60
C SER B 361 15.04 -2.17 18.49
N SER B 362 14.63 -1.35 19.47
CA SER B 362 13.55 -1.74 20.37
C SER B 362 12.22 -1.84 19.64
N GLU B 363 12.04 -1.09 18.56
CA GLU B 363 10.83 -1.15 17.75
C GLU B 363 10.95 -2.11 16.59
N SER B 364 12.12 -2.74 16.41
CA SER B 364 12.33 -3.72 15.35
C SER B 364 11.98 -5.10 15.92
N ILE B 365 10.69 -5.41 15.86
CA ILE B 365 10.13 -6.60 16.50
C ILE B 365 9.75 -7.60 15.42
N GLU B 366 10.03 -8.88 15.70
CA GLU B 366 9.70 -9.93 14.74
C GLU B 366 8.24 -9.88 14.35
N LYS B 367 7.98 -9.98 13.04
CA LYS B 367 6.63 -10.12 12.50
C LYS B 367 6.46 -11.59 12.15
N LEU B 368 5.73 -12.32 12.98
CA LEU B 368 5.69 -13.77 12.91
C LEU B 368 4.30 -14.27 12.56
N PRO B 369 4.18 -15.30 11.72
CA PRO B 369 2.89 -15.94 11.51
C PRO B 369 2.57 -16.91 12.64
N VAL B 370 1.27 -17.02 12.92
CA VAL B 370 0.77 -17.92 13.96
C VAL B 370 -0.40 -18.70 13.39
N PHE B 371 -0.40 -20.01 13.62
CA PHE B 371 -1.50 -20.87 13.19
C PHE B 371 -2.61 -20.81 14.23
N ASN B 372 -3.75 -20.22 13.85
CA ASN B 372 -4.88 -20.08 14.75
C ASN B 372 -6.15 -20.04 13.92
N LYS B 373 -7.28 -19.77 14.57
CA LYS B 373 -8.56 -19.71 13.86
C LYS B 373 -8.51 -18.68 12.74
N SER B 374 -7.94 -17.51 13.00
CA SER B 374 -7.85 -16.47 11.97
C SER B 374 -7.12 -16.99 10.73
N ALA B 375 -5.93 -17.56 10.93
CA ALA B 375 -5.16 -18.07 9.80
C ALA B 375 -5.94 -19.15 9.06
N PHE B 376 -6.58 -20.06 9.80
CA PHE B 376 -7.38 -21.10 9.16
C PHE B 376 -8.54 -20.49 8.38
N LYS B 377 -9.09 -19.36 8.84
CA LYS B 377 -10.18 -18.71 8.12
C LYS B 377 -9.69 -18.04 6.85
N HIS B 378 -8.48 -17.48 6.88
CA HIS B 378 -7.91 -16.89 5.68
C HIS B 378 -7.81 -17.91 4.55
N TYR B 379 -7.47 -19.15 4.89
CA TYR B 379 -7.39 -20.21 3.89
C TYR B 379 -8.78 -20.59 3.40
S SO4 C . 2.59 10.74 17.87
O1 SO4 C . 1.96 9.49 18.29
O2 SO4 C . 1.70 11.45 16.94
O3 SO4 C . 3.85 10.46 17.20
O4 SO4 C . 2.84 11.59 19.03
S SO4 D . -21.93 21.74 -5.64
O1 SO4 D . -22.17 20.31 -5.73
O2 SO4 D . -21.80 22.31 -6.99
O3 SO4 D . -23.05 22.39 -4.96
O4 SO4 D . -20.71 21.99 -4.88
C02 W6P E . 4.04 15.87 3.47
C03 W6P E . 2.64 15.33 3.82
C04 W6P E . 1.99 15.26 2.47
C05 W6P E . 0.72 14.86 2.13
C06 W6P E . 0.37 14.89 0.78
C07 W6P E . 1.28 15.33 -0.19
C08 W6P E . 2.56 15.75 0.16
C09 W6P E . 2.88 15.70 1.51
N10 W6P E . 4.08 16.05 2.11
O01 W6P E . 4.96 16.09 4.24
S SO4 F . -1.21 -9.30 -19.16
O1 SO4 F . -0.79 -10.50 -19.86
O2 SO4 F . -1.71 -8.32 -20.11
O3 SO4 F . -2.28 -9.64 -18.20
O4 SO4 F . -0.07 -8.73 -18.43
S SO4 G . 22.00 -21.35 6.10
O1 SO4 G . 22.35 -22.75 6.29
O2 SO4 G . 20.98 -21.24 5.07
O3 SO4 G . 21.51 -20.80 7.36
O4 SO4 G . 23.19 -20.61 5.68
C02 W6P H . 10.91 -2.44 -12.63
C03 W6P H . 10.27 -3.60 -11.85
C04 W6P H . 10.97 -3.51 -10.53
C05 W6P H . 10.83 -4.29 -9.39
C06 W6P H . 11.62 -3.97 -8.28
C07 W6P H . 12.53 -2.89 -8.32
C08 W6P H . 12.66 -2.11 -9.47
C09 W6P H . 11.88 -2.44 -10.55
N10 W6P H . 11.82 -1.83 -11.78
O01 W6P H . 10.67 -2.09 -13.77
#